data_7ALE
#
_entry.id   7ALE
#
_cell.length_a   60.772
_cell.length_b   152.440
_cell.length_c   222.755
_cell.angle_alpha   90.000
_cell.angle_beta   90.000
_cell.angle_gamma   90.000
#
_symmetry.space_group_name_H-M   'I 2 2 2'
#
loop_
_entity.id
_entity.type
_entity.pdbx_description
1 polymer 'Multifunctional protein ADE2'
2 non-polymer 2-azanyl-~{N}-[2-bromanyl-5-[4-[3-(dimethylamino)propylsulfonyl]piperazin-1-yl]phenyl]-1,3-oxazole-4-carboxamide
3 non-polymer '(2~{S})-2-[[5-azanyl-1-[(2~{R},3~{R},4~{S},5~{R})-3,4-bis(oxidanyl)-5-(phosphonooxymethyl)oxolan-2-yl]imidazol-4-yl]car bonylamino]butanedioic acid'
#
_entity_poly.entity_id   1
_entity_poly.type   'polypeptide(L)'
_entity_poly.pdbx_seq_one_letter_code
;MATAEVLNIGKKLYEGKTKEVYELLDSPGKVLLQSKDQITAGNAARKNHLEGKAAISNKITSCIFQLLQEAGIKTAFTRK
CGETAFIAPQCEMIPIEWVCRRIATGSFLKRNPGVKEGYKFYPPKVELFFKDDANNDPQWSEEQLIAAKFCFAGLLIGQT
EVDIMSHATQAIFEILEKSWLPQNCTLVDMKIEFGVDVTTKEIVLADVIDNDSWRLWPSGDRSQQKDKQSYRDLKEVTPE
GLQMVKKNFEWVAERVELLLKSESQCRVVVLMGSTSDLGHCEKIKKACGNFGIPCELRVTSAHKGPDETLRIKAEYEGDG
IPTVFVAVAGRSNGLGPVMSGNTAYPVISCPPLTPDWGVQDVWSSLRLPSGLGCSTVLSPEGSAQFAAQIFGLSNHLVWS
KLRASILNTWISLKQADKKIRECNL
;
_entity_poly.pdbx_strand_id   A,B
#
# COMPACT_ATOMS: atom_id res chain seq x y z
N LEU A 7 -34.68 -28.80 0.89
CA LEU A 7 -33.38 -29.54 0.83
C LEU A 7 -33.66 -31.03 0.57
N ASN A 8 -33.95 -31.41 -0.69
CA ASN A 8 -34.43 -32.77 -1.05
C ASN A 8 -33.24 -33.70 -1.36
N ILE A 9 -32.76 -34.37 -0.30
CA ILE A 9 -31.55 -35.26 -0.32
C ILE A 9 -31.87 -36.43 -1.26
N GLY A 10 -30.87 -36.92 -2.00
CA GLY A 10 -31.02 -38.09 -2.90
C GLY A 10 -30.22 -39.27 -2.39
N LYS A 11 -29.57 -40.01 -3.28
CA LYS A 11 -28.70 -41.16 -2.92
C LYS A 11 -27.31 -40.65 -2.52
N LYS A 12 -26.50 -41.51 -1.91
CA LYS A 12 -25.12 -41.18 -1.44
C LYS A 12 -24.12 -41.62 -2.51
N LEU A 13 -23.43 -40.65 -3.10
CA LEU A 13 -22.57 -40.83 -4.30
C LEU A 13 -21.14 -41.19 -3.86
N TYR A 14 -20.75 -40.77 -2.66
CA TYR A 14 -19.43 -41.06 -2.05
C TYR A 14 -19.54 -40.88 -0.54
N GLU A 15 -18.97 -41.81 0.23
CA GLU A 15 -18.73 -41.66 1.69
C GLU A 15 -17.23 -41.76 1.90
N GLY A 16 -16.59 -40.63 2.20
CA GLY A 16 -15.17 -40.56 2.61
C GLY A 16 -15.04 -40.64 4.12
N LYS A 17 -13.82 -40.48 4.62
CA LYS A 17 -13.48 -40.64 6.06
C LYS A 17 -14.06 -39.47 6.87
N THR A 18 -14.13 -38.27 6.28
CA THR A 18 -14.50 -36.99 6.96
C THR A 18 -15.66 -36.24 6.28
N LYS A 19 -16.18 -36.76 5.17
CA LYS A 19 -17.28 -36.08 4.42
C LYS A 19 -17.99 -37.08 3.50
N GLU A 20 -19.27 -36.80 3.24
CA GLU A 20 -20.13 -37.55 2.30
C GLU A 20 -20.62 -36.59 1.23
N VAL A 21 -20.83 -37.12 0.03
CA VAL A 21 -21.43 -36.38 -1.12
C VAL A 21 -22.79 -37.01 -1.43
N TYR A 22 -23.83 -36.20 -1.46
CA TYR A 22 -25.21 -36.61 -1.82
C TYR A 22 -25.59 -35.91 -3.12
N GLU A 23 -26.38 -36.60 -3.96
CA GLU A 23 -27.13 -35.97 -5.08
C GLU A 23 -28.30 -35.19 -4.46
N LEU A 24 -28.72 -34.13 -5.14
CA LEU A 24 -29.92 -33.33 -4.79
C LEU A 24 -30.96 -33.62 -5.86
N LEU A 25 -32.06 -34.27 -5.47
CA LEU A 25 -33.12 -34.75 -6.39
C LEU A 25 -33.79 -33.55 -7.09
N ASP A 26 -33.93 -32.42 -6.38
CA ASP A 26 -34.67 -31.20 -6.82
C ASP A 26 -33.77 -30.21 -7.59
N SER A 27 -32.48 -30.52 -7.77
CA SER A 27 -31.49 -29.68 -8.52
C SER A 27 -30.63 -30.57 -9.42
N PRO A 28 -30.82 -30.58 -10.76
CA PRO A 28 -30.07 -31.51 -11.62
C PRO A 28 -28.59 -31.07 -11.72
N GLY A 29 -27.67 -32.04 -11.64
CA GLY A 29 -26.22 -31.86 -11.76
C GLY A 29 -25.59 -31.01 -10.66
N LYS A 30 -26.28 -30.82 -9.53
CA LYS A 30 -25.69 -30.25 -8.30
C LYS A 30 -25.52 -31.34 -7.24
N VAL A 31 -25.02 -30.98 -6.07
CA VAL A 31 -24.39 -31.96 -5.12
C VAL A 31 -24.23 -31.27 -3.76
N LEU A 32 -24.48 -32.03 -2.69
CA LEU A 32 -24.29 -31.57 -1.28
C LEU A 32 -23.07 -32.26 -0.65
N LEU A 33 -22.09 -31.50 -0.17
CA LEU A 33 -20.95 -32.03 0.60
C LEU A 33 -21.25 -31.82 2.08
N GLN A 34 -21.38 -32.93 2.78
CA GLN A 34 -21.61 -32.98 4.24
C GLN A 34 -20.27 -33.26 4.90
N SER A 35 -19.76 -32.34 5.72
CA SER A 35 -18.64 -32.59 6.66
C SER A 35 -19.14 -33.47 7.81
N LYS A 36 -18.24 -34.29 8.38
CA LYS A 36 -18.51 -35.15 9.57
C LYS A 36 -17.66 -34.67 10.77
N ASP A 37 -18.03 -35.07 11.98
CA ASP A 37 -17.28 -34.74 13.21
C ASP A 37 -16.21 -35.82 13.40
N GLN A 38 -15.27 -35.90 12.44
CA GLN A 38 -14.23 -36.97 12.34
C GLN A 38 -12.88 -36.34 11.99
N ILE A 39 -11.78 -36.89 12.51
CA ILE A 39 -10.39 -36.46 12.20
C ILE A 39 -9.53 -37.72 12.00
N THR A 40 -8.58 -37.70 11.07
CA THR A 40 -7.80 -38.90 10.65
C THR A 40 -6.36 -38.52 10.29
N ALA A 41 -5.46 -39.49 10.29
CA ALA A 41 -4.04 -39.34 9.86
C ALA A 41 -3.50 -40.69 9.43
N GLY A 42 -3.00 -40.72 8.19
CA GLY A 42 -2.35 -41.88 7.54
C GLY A 42 -3.32 -42.99 7.27
N ASN A 43 -2.79 -44.17 6.91
CA ASN A 43 -3.60 -45.40 6.67
C ASN A 43 -3.46 -46.29 7.90
N ALA A 44 -3.19 -45.68 9.05
CA ALA A 44 -2.99 -46.33 10.36
C ALA A 44 -4.34 -46.40 11.06
N ALA A 45 -4.36 -46.67 12.37
CA ALA A 45 -5.58 -46.69 13.20
C ALA A 45 -5.78 -45.35 13.91
N ARG A 46 -5.13 -44.28 13.43
CA ARG A 46 -5.33 -42.92 13.98
C ARG A 46 -6.55 -42.28 13.32
N LYS A 47 -7.68 -42.41 14.03
CA LYS A 47 -9.00 -41.86 13.67
C LYS A 47 -9.68 -41.54 14.99
N ASN A 48 -10.43 -40.45 15.06
CA ASN A 48 -11.00 -39.86 16.31
C ASN A 48 -12.30 -39.10 15.99
N HIS A 49 -13.37 -39.34 16.74
CA HIS A 49 -14.52 -38.41 16.79
C HIS A 49 -14.00 -37.08 17.34
N LEU A 50 -14.53 -35.96 16.87
CA LEU A 50 -14.18 -34.60 17.38
C LEU A 50 -15.38 -33.67 17.25
N GLU A 51 -15.88 -33.19 18.39
CA GLU A 51 -17.11 -32.36 18.48
C GLU A 51 -16.86 -31.00 17.80
N GLY A 52 -17.75 -30.58 16.89
CA GLY A 52 -17.74 -29.23 16.29
C GLY A 52 -16.84 -29.14 15.07
N LYS A 53 -16.10 -30.20 14.77
CA LYS A 53 -15.14 -30.24 13.64
C LYS A 53 -15.88 -30.05 12.33
N ALA A 54 -17.02 -30.71 12.15
CA ALA A 54 -17.84 -30.69 10.91
C ALA A 54 -18.15 -29.24 10.51
N ALA A 55 -18.61 -28.46 11.49
CA ALA A 55 -19.05 -27.04 11.37
C ALA A 55 -17.84 -26.16 11.02
N ILE A 56 -16.75 -26.37 11.73
CA ILE A 56 -15.48 -25.63 11.51
C ILE A 56 -14.94 -25.87 10.10
N SER A 57 -14.79 -27.13 9.67
CA SER A 57 -14.29 -27.55 8.33
C SER A 57 -15.15 -26.93 7.21
N ASN A 58 -16.46 -27.15 7.25
CA ASN A 58 -17.43 -26.57 6.28
C ASN A 58 -17.25 -25.05 6.21
N LYS A 59 -17.11 -24.39 7.36
CA LYS A 59 -17.01 -22.92 7.49
C LYS A 59 -15.81 -22.43 6.69
N ILE A 60 -14.68 -23.09 6.91
CA ILE A 60 -13.40 -22.71 6.25
C ILE A 60 -13.54 -22.91 4.73
N THR A 61 -13.91 -24.10 4.25
CA THR A 61 -13.99 -24.40 2.80
C THR A 61 -14.87 -23.35 2.13
N SER A 62 -15.90 -22.91 2.83
CA SER A 62 -16.88 -21.91 2.33
C SER A 62 -16.22 -20.54 2.18
N CYS A 63 -15.48 -20.10 3.18
CA CYS A 63 -14.81 -18.78 3.14
C CYS A 63 -13.69 -18.79 2.08
N ILE A 64 -12.91 -19.88 2.02
CA ILE A 64 -11.76 -20.05 1.09
C ILE A 64 -12.27 -20.10 -0.35
N PHE A 65 -13.31 -20.92 -0.60
CA PHE A 65 -13.88 -21.08 -1.96
C PHE A 65 -14.53 -19.78 -2.43
N GLN A 66 -15.28 -19.09 -1.56
CA GLN A 66 -15.89 -17.77 -1.89
C GLN A 66 -14.76 -16.84 -2.30
N LEU A 67 -13.64 -16.85 -1.57
CA LEU A 67 -12.46 -15.94 -1.76
C LEU A 67 -11.78 -16.21 -3.11
N LEU A 68 -11.51 -17.49 -3.37
CA LEU A 68 -10.86 -18.00 -4.61
C LEU A 68 -11.77 -17.72 -5.81
N GLN A 69 -13.08 -17.86 -5.60
CA GLN A 69 -14.11 -17.70 -6.65
C GLN A 69 -14.20 -16.20 -6.95
N GLU A 70 -14.24 -15.36 -5.91
CA GLU A 70 -14.34 -13.88 -6.03
C GLU A 70 -13.07 -13.27 -6.64
N ALA A 71 -11.94 -13.98 -6.56
CA ALA A 71 -10.70 -13.65 -7.29
C ALA A 71 -10.80 -14.07 -8.77
N GLY A 72 -11.54 -15.12 -9.11
CA GLY A 72 -11.79 -15.51 -10.51
C GLY A 72 -11.22 -16.88 -10.85
N ILE A 73 -10.92 -17.70 -9.84
CA ILE A 73 -10.51 -19.12 -9.99
C ILE A 73 -11.76 -19.94 -10.28
N LYS A 74 -11.74 -20.80 -11.30
CA LYS A 74 -12.86 -21.74 -11.56
C LYS A 74 -12.89 -22.76 -10.43
N THR A 75 -13.91 -22.69 -9.58
CA THR A 75 -14.03 -23.46 -8.32
C THR A 75 -15.48 -23.96 -8.20
N ALA A 76 -15.64 -25.22 -7.78
CA ALA A 76 -16.93 -25.93 -7.62
C ALA A 76 -17.54 -25.54 -6.27
N PHE A 77 -18.29 -24.45 -6.30
CA PHE A 77 -18.96 -23.90 -5.10
C PHE A 77 -20.10 -22.96 -5.48
N THR A 78 -21.27 -23.30 -4.94
CA THR A 78 -22.54 -22.58 -5.16
C THR A 78 -22.83 -21.73 -3.93
N ARG A 79 -23.10 -22.36 -2.78
CA ARG A 79 -23.40 -21.58 -1.54
C ARG A 79 -23.42 -22.52 -0.33
N LYS A 80 -23.10 -21.97 0.85
CA LYS A 80 -23.09 -22.72 2.12
C LYS A 80 -24.52 -23.15 2.43
N CYS A 81 -24.66 -24.32 3.01
CA CYS A 81 -25.99 -24.90 3.30
C CYS A 81 -26.05 -25.29 4.78
N GLY A 82 -26.24 -24.32 5.66
CA GLY A 82 -26.27 -24.54 7.11
C GLY A 82 -24.87 -24.63 7.67
N GLU A 83 -24.79 -25.09 8.92
CA GLU A 83 -23.54 -25.13 9.73
C GLU A 83 -22.47 -25.99 9.05
N THR A 84 -22.85 -27.10 8.42
CA THR A 84 -21.95 -28.28 8.24
C THR A 84 -22.01 -28.86 6.83
N ALA A 85 -22.59 -28.18 5.85
CA ALA A 85 -22.59 -28.65 4.46
C ALA A 85 -22.56 -27.45 3.50
N PHE A 86 -22.41 -27.73 2.21
CA PHE A 86 -22.43 -26.69 1.17
C PHE A 86 -22.84 -27.33 -0.14
N ILE A 87 -23.46 -26.53 -1.01
CA ILE A 87 -23.95 -26.93 -2.38
C ILE A 87 -22.84 -26.60 -3.38
N ALA A 88 -22.59 -27.52 -4.30
CA ALA A 88 -21.60 -27.35 -5.39
C ALA A 88 -22.12 -28.05 -6.64
N PRO A 89 -21.76 -27.62 -7.86
CA PRO A 89 -21.92 -28.43 -9.07
C PRO A 89 -21.24 -29.79 -8.92
N GLN A 90 -21.82 -30.82 -9.51
CA GLN A 90 -21.29 -32.20 -9.51
C GLN A 90 -19.96 -32.18 -10.29
N CYS A 91 -18.95 -32.89 -9.77
CA CYS A 91 -17.66 -33.16 -10.44
C CYS A 91 -17.31 -34.65 -10.40
N GLU A 92 -16.70 -35.14 -11.49
CA GLU A 92 -15.87 -36.39 -11.49
C GLU A 92 -14.48 -36.01 -10.97
N MET A 93 -14.17 -36.36 -9.72
CA MET A 93 -12.85 -36.09 -9.09
C MET A 93 -11.74 -36.82 -9.86
N ILE A 94 -10.67 -36.06 -10.17
CA ILE A 94 -9.37 -36.55 -10.69
C ILE A 94 -8.58 -37.01 -9.48
N PRO A 95 -8.11 -38.28 -9.48
CA PRO A 95 -7.49 -38.89 -8.30
C PRO A 95 -6.00 -38.52 -8.18
N ILE A 96 -5.74 -37.21 -8.18
CA ILE A 96 -4.41 -36.61 -7.88
C ILE A 96 -4.62 -35.58 -6.77
N GLU A 97 -3.81 -35.73 -5.73
CA GLU A 97 -3.57 -34.69 -4.71
C GLU A 97 -2.47 -33.80 -5.28
N TRP A 98 -2.80 -32.54 -5.54
CA TRP A 98 -1.82 -31.54 -5.98
C TRP A 98 -1.29 -30.80 -4.74
N VAL A 99 0.03 -30.78 -4.57
CA VAL A 99 0.71 -30.15 -3.39
C VAL A 99 1.58 -28.99 -3.89
N CYS A 100 1.50 -27.87 -3.19
CA CYS A 100 2.32 -26.69 -3.43
C CYS A 100 3.00 -26.31 -2.10
N ARG A 101 4.29 -26.03 -2.13
CA ARG A 101 5.01 -25.68 -0.91
C ARG A 101 5.80 -24.40 -1.10
N ARG A 102 5.97 -23.65 0.00
CA ARG A 102 6.75 -22.38 0.01
C ARG A 102 7.94 -22.59 0.96
N ILE A 103 7.86 -23.62 1.80
CA ILE A 103 8.92 -24.00 2.78
C ILE A 103 9.02 -25.53 2.85
N ALA A 104 10.17 -26.10 2.56
CA ALA A 104 10.37 -27.56 2.69
C ALA A 104 10.03 -27.95 4.13
N THR A 105 9.15 -28.93 4.29
CA THR A 105 8.94 -29.67 5.57
C THR A 105 8.23 -30.99 5.24
N GLY A 106 8.03 -31.82 6.24
CA GLY A 106 7.24 -33.06 6.12
C GLY A 106 7.87 -33.98 5.09
N SER A 107 7.09 -34.42 4.10
CA SER A 107 7.49 -35.51 3.19
C SER A 107 8.59 -35.00 2.26
N PHE A 108 8.65 -33.69 2.02
CA PHE A 108 9.67 -33.15 1.09
C PHE A 108 11.05 -33.50 1.62
N LEU A 109 11.22 -33.41 2.95
CA LEU A 109 12.48 -33.75 3.66
C LEU A 109 12.73 -35.27 3.59
N LYS A 110 11.72 -36.11 3.80
CA LYS A 110 11.89 -37.58 3.76
C LYS A 110 12.28 -38.02 2.34
N ARG A 111 11.76 -37.37 1.31
CA ARG A 111 12.05 -37.78 -0.11
C ARG A 111 13.28 -37.02 -0.62
N ASN A 112 13.77 -36.02 0.11
CA ASN A 112 14.99 -35.25 -0.29
C ASN A 112 15.96 -35.15 0.90
N PRO A 113 16.55 -36.29 1.39
CA PRO A 113 17.50 -36.25 2.49
C PRO A 113 18.67 -35.30 2.16
N GLY A 114 19.08 -34.47 3.11
CA GLY A 114 20.07 -33.40 2.87
C GLY A 114 19.43 -32.03 2.90
N VAL A 115 18.19 -31.89 2.44
CA VAL A 115 17.48 -30.59 2.45
C VAL A 115 17.05 -30.30 3.88
N LYS A 116 17.36 -29.10 4.38
CA LYS A 116 17.11 -28.68 5.79
C LYS A 116 15.70 -28.08 5.86
N GLU A 117 15.01 -28.39 6.95
CA GLU A 117 13.67 -27.84 7.27
C GLU A 117 13.78 -26.31 7.22
N GLY A 118 13.14 -25.64 6.26
CA GLY A 118 13.15 -24.17 6.15
C GLY A 118 13.59 -23.63 4.79
N TYR A 119 14.24 -24.46 3.96
CA TYR A 119 14.62 -24.19 2.55
C TYR A 119 13.43 -23.52 1.84
N LYS A 120 13.60 -22.33 1.26
CA LYS A 120 12.49 -21.60 0.56
C LYS A 120 12.50 -21.94 -0.94
N PHE A 121 11.30 -22.23 -1.47
CA PHE A 121 11.07 -22.52 -2.91
C PHE A 121 10.63 -21.23 -3.64
N TYR A 122 11.44 -20.82 -4.64
CA TYR A 122 11.15 -19.70 -5.57
C TYR A 122 11.34 -20.19 -7.01
N PRO A 123 10.27 -20.43 -7.82
CA PRO A 123 8.88 -20.24 -7.40
C PRO A 123 8.41 -21.35 -6.46
N PRO A 124 7.22 -21.23 -5.84
CA PRO A 124 6.69 -22.31 -5.01
C PRO A 124 6.73 -23.66 -5.73
N LYS A 125 7.11 -24.73 -5.02
CA LYS A 125 7.29 -26.11 -5.57
C LYS A 125 5.94 -26.77 -5.69
N VAL A 126 5.60 -27.35 -6.85
CA VAL A 126 4.37 -28.19 -7.04
C VAL A 126 4.77 -29.65 -7.19
N GLU A 127 4.00 -30.58 -6.61
CA GLU A 127 4.23 -32.04 -6.67
C GLU A 127 2.89 -32.74 -6.84
N LEU A 128 2.89 -33.86 -7.56
CA LEU A 128 1.71 -34.75 -7.72
C LEU A 128 1.86 -35.98 -6.84
N PHE A 129 0.75 -36.37 -6.19
CA PHE A 129 0.58 -37.67 -5.50
C PHE A 129 -0.70 -38.34 -6.03
N PHE A 130 -0.58 -39.57 -6.53
CA PHE A 130 -1.70 -40.46 -6.95
C PHE A 130 -2.45 -40.92 -5.69
N LYS A 131 -3.79 -40.90 -5.73
CA LYS A 131 -4.66 -41.20 -4.55
C LYS A 131 -4.74 -42.72 -4.34
N ASP A 132 -4.20 -43.18 -3.22
CA ASP A 132 -4.21 -44.59 -2.75
C ASP A 132 -3.84 -44.61 -1.27
N ASP A 133 -4.74 -45.05 -0.41
CA ASP A 133 -4.40 -45.36 1.00
C ASP A 133 -3.65 -46.70 1.01
N ALA A 134 -3.95 -47.54 0.02
CA ALA A 134 -3.32 -48.86 -0.28
C ALA A 134 -1.80 -48.70 -0.44
N ASN A 135 -1.33 -47.97 -1.47
CA ASN A 135 0.12 -47.79 -1.77
C ASN A 135 0.69 -46.57 -1.02
N ASN A 136 -0.07 -46.03 -0.06
CA ASN A 136 0.35 -44.96 0.89
C ASN A 136 0.57 -43.63 0.16
N ASP A 137 -0.24 -43.35 -0.87
CA ASP A 137 -0.19 -42.06 -1.61
C ASP A 137 1.19 -41.84 -2.26
N PRO A 138 1.54 -42.58 -3.32
CA PRO A 138 2.82 -42.39 -4.01
C PRO A 138 2.90 -41.14 -4.92
N GLN A 139 4.01 -40.42 -4.84
CA GLN A 139 4.30 -39.28 -5.75
C GLN A 139 4.31 -39.78 -7.19
N TRP A 140 3.81 -38.94 -8.10
CA TRP A 140 3.69 -39.20 -9.54
C TRP A 140 4.36 -38.04 -10.25
N SER A 141 4.81 -38.27 -11.46
CA SER A 141 5.40 -37.21 -12.30
C SER A 141 4.35 -36.84 -13.34
N GLU A 142 4.40 -35.62 -13.88
CA GLU A 142 3.52 -35.16 -14.99
C GLU A 142 3.58 -36.21 -16.09
N GLU A 143 4.74 -36.82 -16.31
CA GLU A 143 4.93 -37.88 -17.34
C GLU A 143 4.02 -39.09 -17.06
N GLN A 144 3.94 -39.51 -15.79
CA GLN A 144 3.06 -40.62 -15.32
C GLN A 144 1.56 -40.31 -15.52
N LEU A 145 1.11 -39.08 -15.31
CA LEU A 145 -0.32 -38.67 -15.35
C LEU A 145 -0.76 -38.57 -16.81
N ILE A 146 0.10 -38.02 -17.66
CA ILE A 146 -0.11 -37.97 -19.14
C ILE A 146 -0.19 -39.39 -19.70
N ALA A 147 0.69 -40.29 -19.25
CA ALA A 147 0.82 -41.67 -19.76
C ALA A 147 -0.36 -42.52 -19.27
N ALA A 148 -1.00 -42.13 -18.16
CA ALA A 148 -2.15 -42.82 -17.55
C ALA A 148 -3.37 -42.78 -18.49
N LYS A 149 -3.40 -41.84 -19.43
CA LYS A 149 -4.55 -41.65 -20.34
C LYS A 149 -5.87 -41.61 -19.54
N PHE A 150 -5.92 -40.97 -18.36
CA PHE A 150 -7.15 -40.88 -17.53
C PHE A 150 -8.26 -40.11 -18.27
N CYS A 151 -9.50 -40.41 -17.90
CA CYS A 151 -10.75 -39.86 -18.46
C CYS A 151 -11.74 -39.57 -17.35
N PHE A 152 -12.41 -38.44 -17.43
CA PHE A 152 -13.41 -38.02 -16.41
C PHE A 152 -14.43 -37.12 -17.07
N ALA A 153 -15.73 -37.48 -17.01
CA ALA A 153 -16.82 -36.69 -17.64
C ALA A 153 -16.44 -36.41 -19.10
N GLY A 154 -15.78 -37.39 -19.72
CA GLY A 154 -15.44 -37.40 -21.16
C GLY A 154 -14.25 -36.55 -21.52
N LEU A 155 -13.52 -36.01 -20.54
CA LEU A 155 -12.29 -35.19 -20.73
C LEU A 155 -11.06 -36.08 -20.49
N LEU A 156 -10.31 -36.33 -21.55
CA LEU A 156 -9.04 -37.09 -21.52
C LEU A 156 -7.99 -36.17 -20.88
N ILE A 157 -7.30 -36.62 -19.82
CA ILE A 157 -6.29 -35.80 -19.10
C ILE A 157 -4.93 -35.96 -19.81
N GLY A 158 -4.61 -35.02 -20.69
CA GLY A 158 -3.38 -34.99 -21.52
C GLY A 158 -2.46 -33.84 -21.16
N GLN A 159 -1.46 -33.63 -22.02
CA GLN A 159 -0.46 -32.54 -21.89
C GLN A 159 -1.12 -31.30 -21.31
N THR A 160 -2.16 -30.84 -21.99
CA THR A 160 -2.77 -29.49 -21.81
C THR A 160 -3.44 -29.41 -20.43
N GLU A 161 -4.17 -30.45 -20.04
CA GLU A 161 -4.99 -30.49 -18.79
C GLU A 161 -4.09 -30.61 -17.56
N VAL A 162 -2.98 -31.33 -17.69
CA VAL A 162 -1.99 -31.55 -16.59
C VAL A 162 -1.24 -30.22 -16.37
N ASP A 163 -0.81 -29.61 -17.46
CA ASP A 163 -0.09 -28.31 -17.43
C ASP A 163 -1.02 -27.30 -16.74
N ILE A 164 -2.33 -27.35 -17.02
CA ILE A 164 -3.33 -26.36 -16.52
C ILE A 164 -3.51 -26.55 -15.01
N MET A 165 -3.67 -27.80 -14.57
CA MET A 165 -3.83 -28.14 -13.12
C MET A 165 -2.55 -27.79 -12.34
N SER A 166 -1.39 -28.05 -12.92
CA SER A 166 -0.06 -27.72 -12.36
C SER A 166 0.06 -26.22 -12.13
N HIS A 167 -0.09 -25.42 -13.18
CA HIS A 167 -0.08 -23.93 -13.10
C HIS A 167 -1.13 -23.42 -12.11
N ALA A 168 -2.33 -24.01 -12.13
CA ALA A 168 -3.45 -23.59 -11.26
C ALA A 168 -3.06 -23.76 -9.77
N THR A 169 -2.39 -24.85 -9.43
CA THR A 169 -2.05 -25.22 -8.03
C THR A 169 -1.19 -24.11 -7.42
N GLN A 170 -0.28 -23.57 -8.26
CA GLN A 170 0.69 -22.49 -7.89
C GLN A 170 -0.09 -21.22 -7.58
N ALA A 171 -0.99 -20.79 -8.47
CA ALA A 171 -1.78 -19.53 -8.32
C ALA A 171 -2.67 -19.63 -7.08
N ILE A 172 -3.32 -20.78 -6.88
CA ILE A 172 -4.28 -20.99 -5.76
C ILE A 172 -3.48 -20.87 -4.47
N PHE A 173 -2.33 -21.54 -4.40
CA PHE A 173 -1.39 -21.42 -3.25
C PHE A 173 -1.03 -19.94 -3.01
N GLU A 174 -0.53 -19.26 -4.05
CA GLU A 174 -0.03 -17.87 -3.97
C GLU A 174 -1.15 -16.98 -3.38
N ILE A 175 -2.38 -17.15 -3.87
CA ILE A 175 -3.54 -16.32 -3.46
C ILE A 175 -3.86 -16.52 -1.97
N LEU A 176 -3.89 -17.77 -1.51
CA LEU A 176 -4.15 -18.14 -0.11
C LEU A 176 -2.97 -17.76 0.79
N GLU A 177 -1.75 -17.79 0.27
CA GLU A 177 -0.49 -17.37 0.98
C GLU A 177 -0.57 -15.86 1.23
N LYS A 178 -0.89 -15.11 0.19
CA LYS A 178 -0.97 -13.63 0.23
C LYS A 178 -2.12 -13.24 1.15
N SER A 179 -3.21 -14.01 1.09
CA SER A 179 -4.47 -13.73 1.81
C SER A 179 -4.30 -13.93 3.33
N TRP A 180 -3.41 -14.83 3.76
CA TRP A 180 -3.12 -15.10 5.18
C TRP A 180 -2.08 -14.11 5.73
N LEU A 181 -1.38 -13.40 4.85
CA LEU A 181 -0.22 -12.54 5.24
C LEU A 181 -0.68 -11.46 6.23
N PRO A 182 -1.83 -10.77 6.02
CA PRO A 182 -2.25 -9.72 6.94
C PRO A 182 -2.63 -10.24 8.34
N GLN A 183 -2.71 -11.57 8.54
CA GLN A 183 -2.91 -12.21 9.87
C GLN A 183 -1.59 -12.68 10.48
N ASN A 184 -0.43 -12.26 9.98
CA ASN A 184 0.87 -12.74 10.51
C ASN A 184 0.96 -14.26 10.32
N CYS A 185 0.25 -14.84 9.36
CA CYS A 185 0.23 -16.32 9.15
C CYS A 185 0.98 -16.69 7.88
N THR A 186 2.05 -17.45 8.06
CA THR A 186 2.83 -18.09 6.98
C THR A 186 2.08 -19.33 6.50
N LEU A 187 1.57 -19.30 5.28
CA LEU A 187 1.14 -20.55 4.59
C LEU A 187 2.41 -21.25 4.14
N VAL A 188 2.62 -22.45 4.68
CA VAL A 188 3.82 -23.29 4.50
C VAL A 188 3.62 -24.10 3.23
N ASP A 189 2.49 -24.80 3.14
CA ASP A 189 2.14 -25.65 1.97
C ASP A 189 0.64 -25.93 2.03
N MET A 190 0.14 -26.72 1.08
CA MET A 190 -1.28 -27.09 0.96
C MET A 190 -1.46 -28.23 -0.05
N LYS A 191 -2.58 -28.94 0.04
CA LYS A 191 -3.08 -29.94 -0.94
C LYS A 191 -4.48 -29.50 -1.38
N ILE A 192 -4.76 -29.60 -2.66
CA ILE A 192 -6.10 -29.37 -3.25
C ILE A 192 -6.35 -30.57 -4.15
N GLU A 193 -7.61 -30.84 -4.49
CA GLU A 193 -7.93 -31.85 -5.52
C GLU A 193 -8.70 -31.13 -6.60
N PHE A 194 -8.49 -31.50 -7.85
CA PHE A 194 -9.27 -30.97 -8.99
C PHE A 194 -10.19 -32.08 -9.47
N GLY A 195 -11.35 -31.65 -9.95
CA GLY A 195 -12.32 -32.50 -10.66
C GLY A 195 -12.78 -31.85 -11.94
N VAL A 196 -13.55 -32.59 -12.75
CA VAL A 196 -14.25 -32.08 -13.96
C VAL A 196 -15.71 -31.81 -13.60
N ASP A 197 -16.17 -30.57 -13.71
CA ASP A 197 -17.60 -30.20 -13.65
C ASP A 197 -18.29 -30.99 -14.79
N VAL A 198 -19.23 -31.84 -14.42
CA VAL A 198 -19.93 -32.77 -15.37
C VAL A 198 -20.77 -31.95 -16.35
N THR A 199 -21.34 -30.83 -15.88
CA THR A 199 -22.15 -29.85 -16.65
C THR A 199 -21.30 -29.12 -17.71
N THR A 200 -20.26 -28.38 -17.28
CA THR A 200 -19.41 -27.49 -18.13
C THR A 200 -18.30 -28.28 -18.84
N LYS A 201 -17.77 -29.36 -18.24
CA LYS A 201 -16.57 -30.11 -18.74
C LYS A 201 -15.28 -29.33 -18.46
N GLU A 202 -15.36 -28.29 -17.65
CA GLU A 202 -14.21 -27.46 -17.20
C GLU A 202 -13.53 -28.22 -16.08
N ILE A 203 -12.19 -28.12 -15.97
CA ILE A 203 -11.43 -28.51 -14.77
C ILE A 203 -11.56 -27.37 -13.75
N VAL A 204 -11.96 -27.74 -12.53
CA VAL A 204 -12.28 -26.78 -11.45
C VAL A 204 -11.71 -27.33 -10.14
N LEU A 205 -11.23 -26.43 -9.31
CA LEU A 205 -10.89 -26.72 -7.90
C LEU A 205 -12.16 -27.33 -7.26
N ALA A 206 -12.01 -28.44 -6.57
CA ALA A 206 -13.12 -29.22 -5.99
C ALA A 206 -12.73 -29.77 -4.62
N ASP A 207 -13.41 -30.81 -4.17
CA ASP A 207 -13.24 -31.35 -2.80
C ASP A 207 -13.35 -30.19 -1.85
N VAL A 208 -12.42 -30.08 -0.92
CA VAL A 208 -12.38 -29.01 0.10
C VAL A 208 -10.97 -28.41 0.17
N ILE A 209 -10.87 -27.30 0.92
CA ILE A 209 -9.64 -26.72 1.48
C ILE A 209 -9.96 -26.26 2.90
N ASP A 210 -9.51 -27.02 3.91
CA ASP A 210 -9.80 -26.70 5.34
C ASP A 210 -8.52 -26.89 6.17
N ASN A 211 -8.66 -27.08 7.47
CA ASN A 211 -7.52 -27.14 8.42
C ASN A 211 -6.71 -28.43 8.22
N ASP A 212 -7.27 -29.44 7.52
CA ASP A 212 -6.59 -30.71 7.13
C ASP A 212 -5.68 -30.47 5.91
N SER A 213 -6.02 -29.46 5.10
CA SER A 213 -5.55 -29.29 3.70
C SER A 213 -4.20 -28.54 3.63
N TRP A 214 -3.79 -27.83 4.66
CA TRP A 214 -2.62 -26.91 4.61
C TRP A 214 -1.85 -26.99 5.91
N ARG A 215 -0.71 -26.29 5.96
CA ARG A 215 0.10 -26.03 7.19
C ARG A 215 0.13 -24.52 7.43
N LEU A 216 -0.29 -24.08 8.62
CA LEU A 216 -0.45 -22.65 9.00
C LEU A 216 0.45 -22.38 10.20
N TRP A 217 1.42 -21.47 10.06
CA TRP A 217 2.35 -21.07 11.15
C TRP A 217 2.15 -19.60 11.47
N PRO A 218 1.50 -19.25 12.61
CA PRO A 218 1.52 -17.87 13.12
C PRO A 218 2.94 -17.37 13.38
N SER A 219 3.26 -16.15 12.91
CA SER A 219 4.59 -15.48 13.04
C SER A 219 5.71 -16.38 12.49
N GLY A 220 5.38 -17.19 11.48
CA GLY A 220 6.27 -18.17 10.85
C GLY A 220 6.88 -19.17 11.81
N ASP A 221 6.25 -19.48 12.94
CA ASP A 221 6.83 -20.30 14.05
C ASP A 221 6.16 -21.69 14.08
N ARG A 222 6.87 -22.71 13.60
CA ARG A 222 6.37 -24.10 13.47
C ARG A 222 5.76 -24.60 14.77
N SER A 223 6.33 -24.20 15.90
CA SER A 223 5.89 -24.60 17.26
C SER A 223 4.48 -24.03 17.57
N GLN A 224 4.02 -22.97 16.87
CA GLN A 224 2.64 -22.42 17.03
C GLN A 224 1.69 -22.98 15.94
N GLN A 225 2.05 -24.09 15.27
CA GLN A 225 1.28 -24.66 14.13
C GLN A 225 -0.16 -24.87 14.56
N LYS A 226 -1.11 -24.37 13.75
CA LYS A 226 -2.57 -24.30 14.03
C LYS A 226 -3.33 -25.30 13.15
N ASP A 227 -2.64 -25.89 12.16
CA ASP A 227 -3.22 -26.86 11.19
C ASP A 227 -3.28 -28.26 11.83
N LYS A 228 -3.75 -29.23 11.05
CA LYS A 228 -3.86 -30.65 11.48
C LYS A 228 -2.50 -31.24 11.91
N GLN A 229 -1.38 -30.75 11.40
CA GLN A 229 -0.03 -31.27 11.79
C GLN A 229 0.01 -31.53 13.30
N SER A 230 -0.61 -30.65 14.11
CA SER A 230 -0.62 -30.72 15.58
C SER A 230 -1.24 -32.03 16.05
N TYR A 231 -2.20 -32.57 15.29
CA TYR A 231 -2.82 -33.89 15.54
C TYR A 231 -1.90 -35.01 15.01
N ARG A 232 -1.36 -34.89 13.78
CA ARG A 232 -0.47 -35.90 13.15
C ARG A 232 0.73 -36.19 14.05
N ASP A 233 1.19 -35.20 14.83
CA ASP A 233 2.49 -35.17 15.55
C ASP A 233 2.41 -35.85 16.91
N LEU A 234 1.22 -35.89 17.54
CA LEU A 234 0.97 -36.51 18.87
C LEU A 234 1.55 -37.93 18.87
N LYS A 235 2.55 -38.19 19.72
CA LYS A 235 3.07 -39.58 19.94
C LYS A 235 1.87 -40.43 20.37
N GLU A 236 1.00 -39.88 21.21
CA GLU A 236 -0.24 -40.55 21.64
C GLU A 236 -1.41 -39.55 21.66
N VAL A 237 -2.58 -39.99 21.19
CA VAL A 237 -3.85 -39.20 21.22
C VAL A 237 -4.49 -39.41 22.60
N THR A 238 -4.58 -38.36 23.42
CA THR A 238 -5.26 -38.40 24.74
C THR A 238 -6.45 -37.45 24.65
N PRO A 239 -7.48 -37.58 25.54
CA PRO A 239 -8.57 -36.60 25.62
C PRO A 239 -8.12 -35.15 25.84
N GLU A 240 -7.07 -34.94 26.64
CA GLU A 240 -6.45 -33.60 26.87
C GLU A 240 -5.69 -33.18 25.59
N GLY A 241 -5.13 -34.16 24.86
CA GLY A 241 -4.38 -33.94 23.60
C GLY A 241 -5.29 -33.49 22.46
N LEU A 242 -6.51 -34.02 22.40
CA LEU A 242 -7.50 -33.65 21.36
C LEU A 242 -8.08 -32.27 21.63
N GLN A 243 -8.00 -31.78 22.88
CA GLN A 243 -8.49 -30.42 23.28
C GLN A 243 -7.59 -29.36 22.65
N MET A 244 -6.27 -29.53 22.74
CA MET A 244 -5.28 -28.65 22.08
C MET A 244 -5.63 -28.58 20.59
N VAL A 245 -5.74 -29.74 19.94
CA VAL A 245 -6.06 -29.89 18.48
C VAL A 245 -7.32 -29.11 18.17
N LYS A 246 -8.38 -29.28 18.97
CA LYS A 246 -9.69 -28.62 18.74
C LYS A 246 -9.52 -27.09 18.84
N LYS A 247 -8.78 -26.61 19.84
CA LYS A 247 -8.56 -25.16 20.09
C LYS A 247 -7.81 -24.58 18.88
N ASN A 248 -6.80 -25.31 18.37
CA ASN A 248 -6.07 -24.95 17.12
C ASN A 248 -7.10 -24.73 15.99
N PHE A 249 -7.98 -25.70 15.75
CA PHE A 249 -9.03 -25.63 14.70
C PHE A 249 -9.93 -24.40 14.94
N GLU A 250 -10.39 -24.19 16.19
CA GLU A 250 -11.27 -23.06 16.58
C GLU A 250 -10.57 -21.73 16.23
N TRP A 251 -9.30 -21.62 16.57
CA TRP A 251 -8.45 -20.43 16.30
C TRP A 251 -8.54 -20.07 14.82
N VAL A 252 -8.43 -21.06 13.93
CA VAL A 252 -8.42 -20.83 12.46
C VAL A 252 -9.80 -20.35 12.04
N ALA A 253 -10.83 -21.09 12.46
CA ALA A 253 -12.24 -20.86 12.06
C ALA A 253 -12.67 -19.46 12.45
N GLU A 254 -12.13 -18.92 13.54
CA GLU A 254 -12.39 -17.52 13.99
C GLU A 254 -11.77 -16.52 13.01
N ARG A 255 -10.63 -16.88 12.41
CA ARG A 255 -9.81 -15.92 11.64
C ARG A 255 -10.06 -16.08 10.14
N VAL A 256 -10.53 -17.24 9.69
CA VAL A 256 -10.70 -17.50 8.24
C VAL A 256 -11.62 -16.44 7.59
N GLU A 257 -12.71 -16.02 8.25
CA GLU A 257 -13.64 -14.98 7.69
C GLU A 257 -12.90 -13.70 7.31
N LEU A 258 -11.86 -13.34 8.06
CA LEU A 258 -11.21 -12.01 7.92
C LEU A 258 -10.43 -11.92 6.59
N LEU A 259 -10.14 -13.07 5.97
CA LEU A 259 -9.44 -13.17 4.66
C LEU A 259 -10.34 -12.59 3.57
N LEU A 260 -11.65 -12.62 3.75
CA LEU A 260 -12.62 -12.11 2.76
C LEU A 260 -12.70 -10.58 2.84
N LYS A 261 -12.21 -10.01 3.92
CA LYS A 261 -12.38 -8.58 4.28
C LYS A 261 -11.23 -7.76 3.70
N SER A 262 -11.58 -6.68 3.02
CA SER A 262 -10.63 -5.72 2.41
C SER A 262 -9.93 -4.96 3.52
N GLU A 263 -8.59 -4.94 3.54
CA GLU A 263 -7.79 -4.39 4.68
C GLU A 263 -7.34 -2.95 4.42
N SER A 264 -7.71 -2.37 3.27
CA SER A 264 -7.26 -1.01 2.83
C SER A 264 -8.23 -0.45 1.80
N GLN A 265 -8.51 0.85 1.85
CA GLN A 265 -9.40 1.53 0.89
C GLN A 265 -8.65 1.86 -0.42
N CYS A 266 -9.30 1.58 -1.55
CA CYS A 266 -8.78 1.78 -2.92
C CYS A 266 -9.75 2.66 -3.71
N ARG A 267 -9.19 3.54 -4.53
CA ARG A 267 -9.97 4.51 -5.36
C ARG A 267 -9.11 4.93 -6.54
N VAL A 268 -9.68 4.89 -7.74
CA VAL A 268 -9.15 5.59 -8.95
C VAL A 268 -9.97 6.86 -9.16
N VAL A 269 -9.36 7.98 -9.46
CA VAL A 269 -10.09 9.21 -9.91
C VAL A 269 -9.65 9.47 -11.36
N VAL A 270 -10.52 9.31 -12.33
CA VAL A 270 -10.25 9.67 -13.74
C VAL A 270 -10.58 11.14 -13.91
N LEU A 271 -9.60 11.97 -14.27
CA LEU A 271 -9.88 13.37 -14.69
C LEU A 271 -9.90 13.45 -16.21
N MET A 272 -10.96 14.00 -16.79
CA MET A 272 -11.02 14.23 -18.26
C MET A 272 -11.15 15.73 -18.53
N GLY A 273 -10.47 16.20 -19.59
CA GLY A 273 -10.42 17.61 -20.03
C GLY A 273 -11.71 18.06 -20.71
N SER A 274 -12.35 17.15 -21.43
CA SER A 274 -13.56 17.40 -22.27
C SER A 274 -14.61 16.29 -22.06
N THR A 275 -15.89 16.63 -22.17
CA THR A 275 -17.01 15.67 -21.97
C THR A 275 -17.04 14.68 -23.15
N SER A 276 -16.48 15.06 -24.28
CA SER A 276 -16.43 14.20 -25.50
C SER A 276 -15.39 13.06 -25.33
N ASP A 277 -14.66 13.03 -24.21
CA ASP A 277 -13.75 11.90 -23.87
C ASP A 277 -14.50 10.83 -23.07
N LEU A 278 -15.76 11.08 -22.72
CA LEU A 278 -16.50 10.29 -21.68
C LEU A 278 -16.52 8.79 -22.03
N GLY A 279 -16.63 8.44 -23.32
CA GLY A 279 -16.71 7.04 -23.77
C GLY A 279 -15.47 6.27 -23.34
N HIS A 280 -14.30 6.86 -23.62
CA HIS A 280 -12.97 6.37 -23.19
C HIS A 280 -12.97 6.18 -21.65
N CYS A 281 -13.42 7.19 -20.90
CA CYS A 281 -13.36 7.20 -19.42
C CYS A 281 -14.23 6.10 -18.83
N GLU A 282 -15.31 5.74 -19.51
CA GLU A 282 -16.29 4.71 -19.10
C GLU A 282 -15.65 3.33 -19.16
N LYS A 283 -14.82 3.10 -20.18
CA LYS A 283 -14.05 1.83 -20.34
C LYS A 283 -13.12 1.65 -19.13
N ILE A 284 -12.48 2.73 -18.67
CA ILE A 284 -11.59 2.72 -17.47
C ILE A 284 -12.43 2.43 -16.22
N LYS A 285 -13.55 3.12 -16.06
CA LYS A 285 -14.47 2.91 -14.91
C LYS A 285 -14.92 1.44 -14.87
N LYS A 286 -15.38 0.90 -15.99
CA LYS A 286 -15.80 -0.53 -16.08
C LYS A 286 -14.65 -1.41 -15.60
N ALA A 287 -13.47 -1.25 -16.20
CA ALA A 287 -12.24 -2.04 -15.94
C ALA A 287 -11.83 -1.99 -14.46
N CYS A 288 -12.01 -0.85 -13.79
CA CYS A 288 -11.81 -0.68 -12.32
C CYS A 288 -12.83 -1.52 -11.56
N GLY A 289 -14.10 -1.43 -11.96
CA GLY A 289 -15.20 -2.34 -11.56
C GLY A 289 -14.72 -3.78 -11.50
N ASN A 290 -14.13 -4.29 -12.60
CA ASN A 290 -13.70 -5.71 -12.76
C ASN A 290 -12.73 -6.14 -11.66
N PHE A 291 -11.96 -5.18 -11.09
CA PHE A 291 -10.94 -5.39 -10.02
C PHE A 291 -11.55 -5.00 -8.65
N GLY A 292 -12.80 -4.54 -8.62
CA GLY A 292 -13.54 -4.14 -7.39
C GLY A 292 -12.98 -2.88 -6.76
N ILE A 293 -12.42 -1.99 -7.58
CA ILE A 293 -11.90 -0.67 -7.13
C ILE A 293 -12.92 0.42 -7.47
N PRO A 294 -13.49 1.12 -6.46
CA PRO A 294 -14.36 2.27 -6.71
C PRO A 294 -13.65 3.27 -7.64
N CYS A 295 -14.33 3.82 -8.63
CA CYS A 295 -13.70 4.71 -9.64
C CYS A 295 -14.61 5.91 -9.97
N GLU A 296 -14.13 7.13 -9.74
CA GLU A 296 -14.89 8.38 -9.97
C GLU A 296 -14.37 9.07 -11.23
N LEU A 297 -15.29 9.64 -12.01
CA LEU A 297 -15.04 10.53 -13.16
C LEU A 297 -15.17 11.96 -12.66
N ARG A 298 -14.38 12.88 -13.21
CA ARG A 298 -14.52 14.35 -13.01
C ARG A 298 -14.07 15.04 -14.30
N VAL A 299 -14.61 16.24 -14.55
CA VAL A 299 -14.31 17.04 -15.78
C VAL A 299 -13.61 18.31 -15.33
N THR A 300 -12.36 18.47 -15.77
CA THR A 300 -11.48 19.61 -15.42
C THR A 300 -10.42 19.74 -16.50
N SER A 301 -10.08 20.97 -16.90
CA SER A 301 -9.05 21.28 -17.93
C SER A 301 -7.92 22.06 -17.28
N ALA A 302 -6.69 21.61 -17.49
CA ALA A 302 -5.45 22.32 -17.12
C ALA A 302 -5.35 23.64 -17.90
N HIS A 303 -5.70 23.61 -19.19
CA HIS A 303 -5.57 24.76 -20.12
C HIS A 303 -6.60 25.85 -19.79
N LYS A 304 -7.83 25.47 -19.43
CA LYS A 304 -8.96 26.41 -19.35
C LYS A 304 -9.39 26.64 -17.90
N GLY A 305 -9.03 25.76 -16.98
CA GLY A 305 -9.48 25.85 -15.56
C GLY A 305 -8.47 25.27 -14.58
N PRO A 306 -7.21 25.73 -14.56
CA PRO A 306 -6.17 25.08 -13.78
C PRO A 306 -6.38 25.29 -12.26
N ASP A 307 -7.00 26.40 -11.86
CA ASP A 307 -7.32 26.69 -10.43
C ASP A 307 -8.27 25.60 -9.92
N GLU A 308 -9.22 25.17 -10.76
CA GLU A 308 -10.18 24.10 -10.41
C GLU A 308 -9.46 22.74 -10.41
N THR A 309 -8.57 22.48 -11.37
CA THR A 309 -7.86 21.19 -11.47
C THR A 309 -7.20 20.87 -10.13
N LEU A 310 -6.62 21.89 -9.52
CA LEU A 310 -5.91 21.81 -8.22
C LEU A 310 -6.90 21.65 -7.05
N ARG A 311 -7.99 22.42 -7.07
CA ARG A 311 -9.03 22.35 -6.02
C ARG A 311 -9.63 20.93 -6.01
N ILE A 312 -9.91 20.35 -7.18
CA ILE A 312 -10.50 18.97 -7.32
C ILE A 312 -9.48 17.95 -6.78
N LYS A 313 -8.25 18.02 -7.30
CA LYS A 313 -7.10 17.26 -6.77
C LYS A 313 -7.17 17.26 -5.23
N ALA A 314 -7.29 18.44 -4.61
CA ALA A 314 -7.24 18.66 -3.15
C ALA A 314 -8.33 17.85 -2.43
N GLU A 315 -9.50 17.73 -3.08
CA GLU A 315 -10.70 17.03 -2.55
C GLU A 315 -10.42 15.54 -2.32
N TYR A 316 -9.65 14.90 -3.21
CA TYR A 316 -9.33 13.44 -3.15
C TYR A 316 -8.07 13.21 -2.30
N GLU A 317 -7.19 14.20 -2.28
CA GLU A 317 -5.91 14.15 -1.52
C GLU A 317 -6.22 14.23 -0.02
N GLY A 318 -7.33 14.89 0.35
CA GLY A 318 -7.61 15.38 1.71
C GLY A 318 -8.43 14.43 2.58
N ASP A 319 -9.14 13.47 2.00
CA ASP A 319 -9.96 12.49 2.78
C ASP A 319 -9.16 11.21 3.05
N GLY A 320 -7.88 11.16 2.67
CA GLY A 320 -6.90 10.18 3.19
C GLY A 320 -7.13 8.75 2.68
N ILE A 321 -8.11 8.55 1.79
CA ILE A 321 -8.23 7.31 0.94
C ILE A 321 -7.12 7.28 -0.11
N PRO A 322 -6.27 6.23 -0.09
CA PRO A 322 -5.32 5.95 -1.17
C PRO A 322 -5.97 6.02 -2.56
N THR A 323 -5.36 6.78 -3.46
CA THR A 323 -5.96 7.27 -4.74
C THR A 323 -4.94 7.20 -5.88
N VAL A 324 -5.30 6.61 -7.02
CA VAL A 324 -4.52 6.77 -8.27
C VAL A 324 -5.26 7.78 -9.13
N PHE A 325 -4.63 8.86 -9.58
CA PHE A 325 -5.24 9.72 -10.62
C PHE A 325 -4.92 9.13 -12.00
N VAL A 326 -5.92 9.07 -12.88
CA VAL A 326 -5.73 8.73 -14.32
C VAL A 326 -6.17 9.95 -15.15
N ALA A 327 -5.20 10.57 -15.83
CA ALA A 327 -5.42 11.80 -16.61
C ALA A 327 -5.68 11.47 -18.08
N VAL A 328 -6.91 11.74 -18.51
CA VAL A 328 -7.37 11.53 -19.91
C VAL A 328 -7.41 12.91 -20.58
N ALA A 329 -6.42 13.18 -21.41
CA ALA A 329 -6.39 14.40 -22.27
C ALA A 329 -5.68 14.05 -23.57
N GLY A 330 -6.38 14.20 -24.69
CA GLY A 330 -5.79 14.11 -26.04
C GLY A 330 -4.98 15.34 -26.32
N ARG A 331 -4.46 15.47 -27.55
CA ARG A 331 -3.70 16.67 -27.97
C ARG A 331 -2.52 16.96 -27.02
N SER A 332 -2.39 18.21 -26.59
CA SER A 332 -1.26 18.64 -25.71
C SER A 332 -1.54 18.30 -24.24
N ASN A 333 -1.51 17.01 -23.90
CA ASN A 333 -1.77 16.56 -22.49
C ASN A 333 -1.04 17.60 -21.64
N GLY A 334 -1.80 18.46 -20.94
CA GLY A 334 -1.22 19.49 -20.06
C GLY A 334 -1.79 19.09 -18.70
N LEU A 335 -2.85 18.28 -18.70
CA LEU A 335 -3.58 17.82 -17.48
C LEU A 335 -2.73 16.83 -16.66
N GLY A 336 -2.02 15.90 -17.30
CA GLY A 336 -1.16 14.89 -16.65
C GLY A 336 0.05 15.55 -15.98
N PRO A 337 0.88 16.30 -16.74
CA PRO A 337 1.95 17.12 -16.17
C PRO A 337 1.54 17.94 -14.94
N VAL A 338 0.53 18.82 -15.05
CA VAL A 338 0.12 19.75 -13.95
C VAL A 338 -0.37 18.92 -12.74
N MET A 339 -1.04 17.79 -12.98
CA MET A 339 -1.48 16.86 -11.90
C MET A 339 -0.21 16.28 -11.26
N SER A 340 0.64 15.69 -12.08
CA SER A 340 1.86 14.93 -11.65
C SER A 340 2.78 15.82 -10.80
N GLY A 341 2.93 17.07 -11.22
CA GLY A 341 3.83 18.03 -10.60
C GLY A 341 3.31 18.54 -9.28
N ASN A 342 2.02 18.37 -9.00
CA ASN A 342 1.37 18.99 -7.81
C ASN A 342 0.67 17.96 -6.91
N THR A 343 1.03 16.66 -7.02
CA THR A 343 0.51 15.57 -6.15
C THR A 343 1.58 14.53 -5.88
N ALA A 344 1.58 14.03 -4.64
CA ALA A 344 2.41 12.92 -4.13
C ALA A 344 1.89 11.58 -4.64
N TYR A 345 0.57 11.52 -4.86
CA TYR A 345 -0.16 10.31 -5.33
C TYR A 345 0.23 10.05 -6.77
N PRO A 346 0.28 8.78 -7.20
CA PRO A 346 0.67 8.45 -8.57
C PRO A 346 -0.24 9.11 -9.59
N VAL A 347 0.27 9.46 -10.77
CA VAL A 347 -0.58 9.91 -11.91
C VAL A 347 -0.25 9.07 -13.14
N ILE A 348 -1.26 8.46 -13.75
CA ILE A 348 -1.17 7.70 -15.03
C ILE A 348 -1.88 8.54 -16.08
N SER A 349 -1.13 9.02 -17.07
CA SER A 349 -1.71 9.62 -18.31
C SER A 349 -2.20 8.45 -19.17
N CYS A 350 -3.47 8.51 -19.60
CA CYS A 350 -4.10 7.54 -20.55
C CYS A 350 -4.77 8.33 -21.66
N PRO A 351 -4.00 8.88 -22.62
CA PRO A 351 -4.58 9.79 -23.62
C PRO A 351 -5.41 8.99 -24.62
N PRO A 352 -6.56 9.52 -25.10
CA PRO A 352 -7.38 8.81 -26.09
C PRO A 352 -6.82 9.01 -27.50
N LEU A 353 -5.61 8.50 -27.75
CA LEU A 353 -4.90 8.61 -29.05
C LEU A 353 -5.68 7.84 -30.12
N THR A 354 -5.79 8.42 -31.32
CA THR A 354 -6.36 7.80 -32.55
C THR A 354 -5.20 7.61 -33.54
N PRO A 355 -5.32 6.75 -34.58
CA PRO A 355 -4.27 6.62 -35.60
C PRO A 355 -3.85 7.90 -36.38
N ASP A 356 -4.67 8.96 -36.33
CA ASP A 356 -4.51 10.18 -37.17
C ASP A 356 -3.41 11.09 -36.60
N TRP A 357 -3.48 11.43 -35.30
CA TRP A 357 -2.52 12.38 -34.66
C TRP A 357 -1.90 11.77 -33.40
N GLY A 358 -2.13 10.49 -33.12
CA GLY A 358 -1.67 9.79 -31.91
C GLY A 358 -0.16 9.69 -31.84
N VAL A 359 0.50 9.47 -32.99
CA VAL A 359 1.99 9.32 -33.14
C VAL A 359 2.67 10.62 -32.66
N GLN A 360 2.01 11.78 -32.80
CA GLN A 360 2.56 13.15 -32.54
C GLN A 360 2.25 13.64 -31.11
N ASP A 361 1.05 13.30 -30.59
CA ASP A 361 0.49 13.79 -29.30
C ASP A 361 1.03 13.00 -28.09
N VAL A 362 1.59 11.81 -28.30
CA VAL A 362 2.09 10.88 -27.23
C VAL A 362 3.31 11.53 -26.54
N TRP A 363 4.07 12.39 -27.25
CA TRP A 363 5.34 13.00 -26.75
C TRP A 363 5.05 14.18 -25.80
N SER A 364 3.79 14.65 -25.75
CA SER A 364 3.29 15.59 -24.70
C SER A 364 3.11 14.87 -23.36
N SER A 365 3.01 13.53 -23.37
CA SER A 365 2.82 12.67 -22.16
C SER A 365 4.16 12.11 -21.66
N LEU A 366 5.13 11.88 -22.57
CA LEU A 366 6.36 11.05 -22.35
C LEU A 366 7.57 11.90 -21.90
N ARG A 367 7.78 13.06 -22.51
CA ARG A 367 8.92 13.97 -22.20
C ARG A 367 8.44 15.09 -21.27
N LEU A 368 8.69 14.99 -19.94
CA LEU A 368 8.35 15.99 -18.88
C LEU A 368 9.62 16.50 -18.19
N PRO A 369 9.71 17.76 -17.66
CA PRO A 369 10.89 18.19 -16.90
C PRO A 369 11.00 17.31 -15.64
N SER A 370 12.19 17.15 -15.07
CA SER A 370 12.41 16.37 -13.81
C SER A 370 11.62 17.04 -12.68
N GLY A 371 11.36 16.30 -11.60
CA GLY A 371 10.46 16.70 -10.50
C GLY A 371 9.07 16.12 -10.67
N LEU A 372 8.83 15.41 -11.80
CA LEU A 372 7.53 14.82 -12.23
C LEU A 372 7.68 13.29 -12.35
N GLY A 373 6.83 12.52 -11.68
CA GLY A 373 6.79 11.05 -11.78
C GLY A 373 5.63 10.57 -12.64
N CYS A 374 5.14 11.39 -13.58
CA CYS A 374 4.01 11.02 -14.49
C CYS A 374 4.46 9.79 -15.30
N SER A 375 3.69 8.69 -15.26
CA SER A 375 3.87 7.50 -16.15
C SER A 375 2.83 7.57 -17.27
N THR A 376 3.03 6.76 -18.32
CA THR A 376 2.18 6.68 -19.54
C THR A 376 1.71 5.23 -19.73
N VAL A 377 0.41 5.03 -19.93
CA VAL A 377 -0.23 3.74 -20.31
C VAL A 377 -1.29 4.06 -21.38
N LEU A 378 -1.09 3.59 -22.61
CA LEU A 378 -1.96 3.89 -23.77
C LEU A 378 -3.30 3.16 -23.62
N SER A 379 -3.30 1.85 -23.35
CA SER A 379 -4.52 1.02 -23.22
C SER A 379 -5.41 1.59 -22.10
N PRO A 380 -6.71 1.86 -22.36
CA PRO A 380 -7.64 2.21 -21.27
C PRO A 380 -7.91 1.07 -20.28
N GLU A 381 -8.03 -0.17 -20.76
CA GLU A 381 -8.12 -1.40 -19.93
C GLU A 381 -6.85 -1.48 -19.10
N GLY A 382 -5.70 -1.36 -19.79
CA GLY A 382 -4.37 -1.37 -19.15
C GLY A 382 -4.26 -0.35 -18.03
N SER A 383 -4.79 0.86 -18.16
CA SER A 383 -4.60 1.91 -17.14
C SER A 383 -5.31 1.49 -15.84
N ALA A 384 -6.45 0.84 -15.93
CA ALA A 384 -7.14 0.30 -14.76
C ALA A 384 -6.28 -0.82 -14.17
N GLN A 385 -5.82 -1.75 -15.03
CA GLN A 385 -4.98 -2.90 -14.63
C GLN A 385 -3.73 -2.39 -13.89
N PHE A 386 -3.13 -1.31 -14.37
CA PHE A 386 -1.92 -0.74 -13.73
C PHE A 386 -2.33 -0.19 -12.36
N ALA A 387 -3.44 0.54 -12.31
CA ALA A 387 -3.99 1.10 -11.04
C ALA A 387 -4.22 -0.07 -10.07
N ALA A 388 -4.73 -1.19 -10.56
CA ALA A 388 -4.91 -2.42 -9.77
C ALA A 388 -3.55 -2.89 -9.24
N GLN A 389 -2.55 -3.05 -10.12
CA GLN A 389 -1.20 -3.54 -9.75
C GLN A 389 -0.73 -2.74 -8.53
N ILE A 390 -0.90 -1.41 -8.58
CA ILE A 390 -0.52 -0.45 -7.50
C ILE A 390 -1.26 -0.74 -6.18
N PHE A 391 -2.58 -0.92 -6.23
CA PHE A 391 -3.38 -1.24 -5.03
C PHE A 391 -3.10 -2.68 -4.62
N GLY A 392 -2.65 -3.51 -5.59
CA GLY A 392 -2.25 -4.91 -5.35
C GLY A 392 -1.17 -5.03 -4.30
N LEU A 393 -0.30 -4.02 -4.10
CA LEU A 393 0.81 -4.08 -3.11
C LEU A 393 0.27 -4.04 -1.67
N SER A 394 -0.93 -3.52 -1.47
CA SER A 394 -1.50 -3.10 -0.16
C SER A 394 -2.94 -3.57 0.01
N ASN A 395 -3.47 -4.40 -0.91
CA ASN A 395 -4.85 -4.98 -0.85
C ASN A 395 -4.84 -6.39 -1.49
N HIS A 396 -4.94 -7.42 -0.66
CA HIS A 396 -4.83 -8.85 -1.05
C HIS A 396 -5.99 -9.27 -1.97
N LEU A 397 -7.15 -8.62 -1.87
CA LEU A 397 -8.29 -8.98 -2.75
C LEU A 397 -7.97 -8.52 -4.16
N VAL A 398 -7.44 -7.30 -4.30
CA VAL A 398 -7.08 -6.78 -5.65
C VAL A 398 -5.98 -7.70 -6.20
N TRP A 399 -5.02 -8.06 -5.35
CA TRP A 399 -3.84 -8.83 -5.80
C TRP A 399 -4.36 -10.17 -6.35
N SER A 400 -5.23 -10.80 -5.58
CA SER A 400 -5.80 -12.13 -5.91
C SER A 400 -6.45 -12.05 -7.29
N LYS A 401 -7.15 -10.97 -7.60
CA LYS A 401 -7.84 -10.82 -8.90
C LYS A 401 -6.81 -10.69 -10.03
N LEU A 402 -5.69 -10.02 -9.77
CA LEU A 402 -4.61 -9.84 -10.76
C LEU A 402 -3.92 -11.16 -10.99
N ARG A 403 -3.63 -11.86 -9.89
CA ARG A 403 -2.91 -13.15 -9.93
C ARG A 403 -3.74 -14.17 -10.72
N ALA A 404 -5.01 -14.28 -10.39
CA ALA A 404 -5.97 -15.22 -11.03
C ALA A 404 -6.08 -14.89 -12.51
N SER A 405 -6.18 -13.60 -12.82
CA SER A 405 -6.33 -13.07 -14.18
C SER A 405 -5.20 -13.62 -15.06
N ILE A 406 -3.98 -13.49 -14.56
CA ILE A 406 -2.77 -14.06 -15.23
C ILE A 406 -3.06 -15.53 -15.56
N LEU A 407 -3.50 -16.31 -14.56
CA LEU A 407 -3.71 -17.77 -14.68
C LEU A 407 -4.68 -18.02 -15.83
N ASN A 408 -5.88 -17.42 -15.74
CA ASN A 408 -7.03 -17.73 -16.65
C ASN A 408 -6.61 -17.32 -18.07
N THR A 409 -5.89 -16.21 -18.22
CA THR A 409 -5.40 -15.74 -19.55
C THR A 409 -4.45 -16.77 -20.12
N TRP A 410 -3.64 -17.36 -19.26
CA TRP A 410 -2.71 -18.46 -19.61
C TRP A 410 -3.53 -19.69 -20.04
N ILE A 411 -4.54 -20.06 -19.26
CA ILE A 411 -5.43 -21.22 -19.57
C ILE A 411 -6.09 -21.00 -20.93
N SER A 412 -6.54 -19.79 -21.18
CA SER A 412 -7.29 -19.39 -22.39
C SER A 412 -6.44 -19.62 -23.65
N LEU A 413 -5.14 -19.32 -23.55
CA LEU A 413 -4.16 -19.56 -24.64
C LEU A 413 -3.98 -21.06 -24.81
N LYS A 414 -3.86 -21.77 -23.69
CA LYS A 414 -3.63 -23.22 -23.69
C LYS A 414 -4.77 -23.89 -24.45
N GLN A 415 -6.03 -23.49 -24.23
CA GLN A 415 -7.22 -24.13 -24.88
C GLN A 415 -7.22 -23.79 -26.38
N ALA A 416 -7.12 -22.49 -26.70
CA ALA A 416 -7.15 -21.99 -28.09
C ALA A 416 -6.07 -22.67 -28.91
N ASP A 417 -4.88 -22.90 -28.33
CA ASP A 417 -3.75 -23.63 -28.98
C ASP A 417 -4.18 -25.08 -29.27
N LYS A 418 -4.96 -25.67 -28.38
CA LYS A 418 -5.44 -27.06 -28.51
C LYS A 418 -6.44 -27.15 -29.66
N LYS A 419 -7.35 -26.19 -29.69
CA LYS A 419 -8.40 -26.06 -30.75
C LYS A 419 -7.67 -26.00 -32.10
N ILE A 420 -6.84 -24.99 -32.29
CA ILE A 420 -6.21 -24.67 -33.60
C ILE A 420 -5.17 -25.73 -33.97
N ARG A 421 -4.65 -26.46 -32.98
CA ARG A 421 -3.74 -27.62 -33.19
C ARG A 421 -4.44 -28.71 -34.00
N GLU A 422 -5.77 -28.77 -33.99
CA GLU A 422 -6.54 -29.75 -34.80
C GLU A 422 -6.51 -29.38 -36.29
N CYS A 423 -6.27 -28.10 -36.60
CA CYS A 423 -6.08 -27.58 -37.99
C CYS A 423 -4.69 -27.95 -38.53
N ASN A 424 -4.02 -28.92 -37.90
CA ASN A 424 -2.68 -29.40 -38.31
C ASN A 424 -2.76 -30.86 -38.75
N LEU A 425 -3.98 -31.40 -38.82
CA LEU A 425 -4.24 -32.85 -39.06
C LEU A 425 -4.88 -33.00 -40.44
N LEU B 7 28.72 20.96 28.61
CA LEU B 7 27.86 21.85 27.75
C LEU B 7 27.86 23.31 28.29
N ASN B 8 28.34 24.23 27.45
CA ASN B 8 28.79 25.60 27.82
C ASN B 8 27.63 26.60 27.67
N ILE B 9 26.77 26.71 28.70
CA ILE B 9 25.56 27.60 28.66
C ILE B 9 26.03 29.05 28.57
N GLY B 10 25.31 29.91 27.84
CA GLY B 10 25.62 31.35 27.67
C GLY B 10 24.62 32.21 28.44
N LYS B 11 24.06 33.24 27.80
CA LYS B 11 23.06 34.15 28.44
C LYS B 11 21.65 33.77 27.97
N LYS B 12 20.59 34.08 28.75
CA LYS B 12 19.17 33.87 28.33
C LYS B 12 18.80 34.94 27.29
N LEU B 13 18.51 34.49 26.06
CA LEU B 13 18.14 35.36 24.90
C LEU B 13 16.63 35.63 24.89
N TYR B 14 15.84 34.72 25.46
CA TYR B 14 14.38 34.87 25.63
C TYR B 14 13.90 33.92 26.72
N GLU B 15 13.02 34.40 27.61
CA GLU B 15 12.30 33.57 28.59
C GLU B 15 10.81 33.67 28.30
N GLY B 16 10.19 32.58 27.87
CA GLY B 16 8.74 32.46 27.66
C GLY B 16 8.08 31.81 28.87
N LYS B 17 6.76 31.61 28.80
CA LYS B 17 5.95 31.01 29.89
C LYS B 17 6.29 29.52 30.04
N THR B 18 6.69 28.85 28.94
CA THR B 18 6.90 27.37 28.91
C THR B 18 8.29 26.95 28.44
N LYS B 19 9.15 27.88 28.04
CA LYS B 19 10.49 27.53 27.48
C LYS B 19 11.38 28.76 27.48
N GLU B 20 12.68 28.50 27.60
CA GLU B 20 13.78 29.49 27.64
C GLU B 20 14.71 29.16 26.49
N VAL B 21 15.27 30.19 25.87
CA VAL B 21 16.30 30.05 24.82
C VAL B 21 17.61 30.63 25.35
N TYR B 22 18.69 29.84 25.27
CA TYR B 22 20.05 30.21 25.70
C TYR B 22 20.97 30.30 24.48
N GLU B 23 22.00 31.14 24.59
CA GLU B 23 23.17 31.18 23.69
C GLU B 23 24.07 30.00 24.04
N LEU B 24 24.70 29.38 23.05
CA LEU B 24 25.68 28.29 23.30
C LEU B 24 27.08 28.85 23.02
N LEU B 25 27.84 29.13 24.09
CA LEU B 25 29.16 29.81 23.99
C LEU B 25 30.13 28.93 23.17
N ASP B 26 30.06 27.59 23.32
CA ASP B 26 31.02 26.62 22.72
C ASP B 26 30.75 26.38 21.22
N SER B 27 29.59 26.80 20.68
CA SER B 27 29.18 26.55 19.27
C SER B 27 28.61 27.82 18.66
N PRO B 28 29.25 28.38 17.60
CA PRO B 28 28.87 29.70 17.11
C PRO B 28 27.53 29.63 16.37
N GLY B 29 26.60 30.55 16.68
CA GLY B 29 25.26 30.70 16.05
C GLY B 29 24.38 29.47 16.20
N LYS B 30 24.57 28.70 17.26
CA LYS B 30 23.61 27.65 17.72
C LYS B 30 22.93 28.15 19.00
N VAL B 31 22.09 27.32 19.59
CA VAL B 31 21.08 27.79 20.59
C VAL B 31 20.43 26.57 21.25
N LEU B 32 20.16 26.70 22.54
CA LEU B 32 19.49 25.65 23.36
C LEU B 32 18.07 26.11 23.72
N LEU B 33 17.06 25.31 23.35
CA LEU B 33 15.65 25.53 23.79
C LEU B 33 15.39 24.58 24.95
N GLN B 34 15.19 25.12 26.14
CA GLN B 34 14.82 24.36 27.36
C GLN B 34 13.31 24.49 27.53
N SER B 35 12.57 23.38 27.49
CA SER B 35 11.14 23.32 27.92
C SER B 35 11.08 23.42 29.46
N LYS B 36 10.00 24.01 29.99
CA LYS B 36 9.71 24.10 31.46
C LYS B 36 8.47 23.27 31.76
N ASP B 37 8.33 22.90 33.04
CA ASP B 37 7.23 22.08 33.58
C ASP B 37 6.04 23.00 33.86
N GLN B 38 5.56 23.65 32.79
CA GLN B 38 4.52 24.72 32.84
C GLN B 38 3.47 24.46 31.74
N ILE B 39 2.21 24.73 32.03
CA ILE B 39 1.11 24.69 31.01
C ILE B 39 0.25 25.96 31.18
N THR B 40 -0.30 26.50 30.09
CA THR B 40 -1.07 27.78 30.13
C THR B 40 -2.24 27.76 29.15
N ALA B 41 -3.17 28.70 29.31
CA ALA B 41 -4.36 28.90 28.44
C ALA B 41 -4.57 30.40 28.19
N GLY B 42 -4.30 30.81 26.94
CA GLY B 42 -4.31 32.20 26.43
C GLY B 42 -3.42 33.18 27.19
N ASN B 43 -4.03 34.30 27.61
CA ASN B 43 -3.38 35.30 28.47
C ASN B 43 -4.20 35.30 29.77
N ALA B 44 -4.64 34.09 30.14
CA ALA B 44 -5.55 33.81 31.28
C ALA B 44 -4.73 33.46 32.52
N ALA B 45 -5.39 33.00 33.58
CA ALA B 45 -4.70 32.67 34.84
C ALA B 45 -4.51 31.16 34.97
N ARG B 46 -4.21 30.47 33.86
CA ARG B 46 -4.00 29.00 33.95
C ARG B 46 -2.54 28.60 34.22
N LYS B 47 -1.61 29.54 34.27
CA LYS B 47 -0.22 29.12 34.58
C LYS B 47 -0.39 28.01 35.64
N ASN B 48 0.02 26.77 35.35
CA ASN B 48 -0.11 25.63 36.29
C ASN B 48 1.14 24.78 36.12
N HIS B 49 1.94 24.65 37.17
CA HIS B 49 3.09 23.72 37.19
C HIS B 49 2.55 22.31 36.91
N LEU B 50 3.20 21.54 36.03
CA LEU B 50 2.86 20.13 35.74
C LEU B 50 4.15 19.30 35.62
N GLU B 51 4.30 18.29 36.48
CA GLU B 51 5.49 17.39 36.52
C GLU B 51 5.59 16.62 35.20
N GLY B 52 6.77 16.66 34.58
CA GLY B 52 7.12 15.82 33.41
C GLY B 52 6.70 16.45 32.10
N LYS B 53 6.02 17.59 32.14
CA LYS B 53 5.50 18.29 30.94
C LYS B 53 6.68 18.70 30.05
N ALA B 54 7.73 19.23 30.66
CA ALA B 54 8.96 19.73 29.99
C ALA B 54 9.51 18.64 29.07
N ALA B 55 9.65 17.43 29.61
CA ALA B 55 10.23 16.23 28.96
C ALA B 55 9.32 15.76 27.81
N ILE B 56 8.02 15.70 28.05
CA ILE B 56 7.02 15.34 27.02
C ILE B 56 7.06 16.33 25.84
N SER B 57 6.98 17.64 26.09
CA SER B 57 7.03 18.72 25.06
C SER B 57 8.32 18.62 24.22
N ASN B 58 9.47 18.62 24.87
CA ASN B 58 10.80 18.46 24.20
C ASN B 58 10.80 17.19 23.34
N LYS B 59 10.27 16.09 23.86
CA LYS B 59 10.26 14.77 23.17
C LYS B 59 9.51 14.88 21.87
N ILE B 60 8.32 15.47 21.94
CA ILE B 60 7.42 15.62 20.76
C ILE B 60 8.13 16.50 19.72
N THR B 61 8.54 17.71 20.07
CA THR B 61 9.17 18.63 19.08
C THR B 61 10.37 17.94 18.41
N SER B 62 11.07 17.09 19.15
CA SER B 62 12.26 16.35 18.64
C SER B 62 11.81 15.29 17.65
N CYS B 63 10.76 14.53 17.95
CA CYS B 63 10.21 13.49 17.04
C CYS B 63 9.68 14.15 15.75
N ILE B 64 8.90 15.23 15.91
CA ILE B 64 8.22 15.95 14.80
C ILE B 64 9.27 16.61 13.92
N PHE B 65 10.20 17.36 14.52
CA PHE B 65 11.23 18.13 13.80
C PHE B 65 12.14 17.17 13.04
N GLN B 66 12.51 16.05 13.64
CA GLN B 66 13.36 15.01 12.99
C GLN B 66 12.59 14.40 11.83
N LEU B 67 11.28 14.16 12.02
CA LEU B 67 10.37 13.56 11.00
C LEU B 67 10.32 14.47 9.78
N LEU B 68 9.98 15.73 10.05
CA LEU B 68 9.86 16.83 9.06
C LEU B 68 11.20 17.05 8.37
N GLN B 69 12.30 17.02 9.12
CA GLN B 69 13.68 17.25 8.62
C GLN B 69 14.08 16.10 7.68
N GLU B 70 13.83 14.86 8.10
CA GLU B 70 14.15 13.62 7.32
C GLU B 70 13.27 13.49 6.07
N ALA B 71 12.17 14.24 6.01
CA ALA B 71 11.29 14.40 4.82
C ALA B 71 11.86 15.45 3.88
N GLY B 72 12.60 16.43 4.40
CA GLY B 72 13.26 17.47 3.58
C GLY B 72 12.65 18.84 3.77
N ILE B 73 11.87 19.04 4.85
CA ILE B 73 11.36 20.38 5.27
C ILE B 73 12.51 21.14 5.94
N LYS B 74 12.74 22.39 5.54
CA LYS B 74 13.86 23.18 6.09
C LYS B 74 13.50 23.52 7.55
N THR B 75 14.16 22.90 8.54
CA THR B 75 13.75 22.98 9.97
C THR B 75 14.95 23.40 10.85
N ALA B 76 14.70 24.26 11.84
CA ALA B 76 15.70 24.67 12.85
C ALA B 76 15.78 23.61 13.96
N PHE B 77 16.57 22.58 13.70
CA PHE B 77 16.78 21.45 14.62
C PHE B 77 18.09 20.71 14.31
N THR B 78 18.95 20.56 15.31
CA THR B 78 20.25 19.84 15.20
C THR B 78 20.13 18.49 15.90
N ARG B 79 19.71 18.46 17.15
CA ARG B 79 19.58 17.22 17.95
C ARG B 79 18.99 17.53 19.32
N LYS B 80 18.43 16.50 19.96
CA LYS B 80 17.97 16.49 21.38
C LYS B 80 19.18 16.71 22.29
N CYS B 81 18.96 17.31 23.45
CA CYS B 81 20.00 17.56 24.48
C CYS B 81 19.41 17.24 25.85
N GLY B 82 19.36 15.97 26.22
CA GLY B 82 18.73 15.54 27.48
C GLY B 82 17.24 15.36 27.27
N GLU B 83 16.52 15.01 28.32
CA GLU B 83 15.07 14.73 28.23
C GLU B 83 14.28 16.04 28.01
N THR B 84 14.86 17.24 28.18
CA THR B 84 14.07 18.48 28.35
C THR B 84 14.55 19.65 27.49
N ALA B 85 15.52 19.47 26.61
CA ALA B 85 16.01 20.57 25.76
C ALA B 85 16.48 20.01 24.43
N PHE B 86 16.83 20.89 23.49
CA PHE B 86 17.38 20.49 22.18
C PHE B 86 18.22 21.64 21.63
N ILE B 87 19.22 21.29 20.81
CA ILE B 87 20.15 22.22 20.12
C ILE B 87 19.57 22.52 18.75
N ALA B 88 19.56 23.80 18.37
CA ALA B 88 19.09 24.23 17.04
C ALA B 88 19.94 25.41 16.58
N PRO B 89 20.11 25.65 15.25
CA PRO B 89 20.68 26.90 14.76
C PRO B 89 19.86 28.09 15.27
N GLN B 90 20.53 29.20 15.57
CA GLN B 90 19.89 30.44 16.07
C GLN B 90 18.98 30.99 14.97
N CYS B 91 17.77 31.43 15.37
CA CYS B 91 16.77 32.05 14.46
C CYS B 91 16.24 33.36 15.04
N GLU B 92 15.97 34.33 14.14
CA GLU B 92 15.29 35.61 14.48
C GLU B 92 13.81 35.36 14.13
N MET B 93 12.99 35.08 15.14
CA MET B 93 11.58 34.64 14.96
C MET B 93 10.78 35.73 14.25
N ILE B 94 9.96 35.30 13.29
CA ILE B 94 8.87 36.09 12.65
C ILE B 94 7.65 35.98 13.55
N PRO B 95 7.11 37.10 14.06
CA PRO B 95 6.05 37.09 15.06
C PRO B 95 4.65 36.93 14.42
N ILE B 96 4.52 35.84 13.68
CA ILE B 96 3.26 35.35 13.04
C ILE B 96 3.07 33.90 13.45
N GLU B 97 1.89 33.64 14.02
CA GLU B 97 1.31 32.30 14.24
C GLU B 97 0.63 31.88 12.93
N TRP B 98 1.17 30.88 12.26
CA TRP B 98 0.59 30.30 11.02
C TRP B 98 -0.30 29.12 11.41
N VAL B 99 -1.56 29.15 10.98
CA VAL B 99 -2.59 28.12 11.31
C VAL B 99 -3.05 27.41 10.03
N CYS B 100 -3.07 26.10 10.11
CA CYS B 100 -3.62 25.23 9.06
C CYS B 100 -4.73 24.37 9.67
N ARG B 101 -5.87 24.23 8.99
CA ARG B 101 -6.99 23.44 9.58
C ARG B 101 -7.75 22.64 8.52
N ARG B 102 -7.80 21.32 8.71
CA ARG B 102 -8.56 20.35 7.88
C ARG B 102 -10.06 20.42 8.21
N ILE B 103 -10.41 20.66 9.49
CA ILE B 103 -11.79 20.63 10.06
C ILE B 103 -12.05 21.95 10.77
N ALA B 104 -13.07 22.67 10.36
CA ALA B 104 -13.44 23.92 11.03
C ALA B 104 -13.74 23.57 12.49
N THR B 105 -13.10 24.27 13.42
CA THR B 105 -13.44 24.20 14.87
C THR B 105 -12.85 25.43 15.55
N GLY B 106 -13.12 25.60 16.85
CA GLY B 106 -12.53 26.66 17.68
C GLY B 106 -12.80 28.06 17.15
N SER B 107 -11.75 28.78 16.75
CA SER B 107 -11.75 30.19 16.32
C SER B 107 -12.52 30.31 15.02
N PHE B 108 -12.30 29.38 14.08
CA PHE B 108 -12.92 29.48 12.74
C PHE B 108 -14.43 29.57 12.86
N LEU B 109 -15.00 28.95 13.88
CA LEU B 109 -16.45 29.03 14.22
C LEU B 109 -16.81 30.46 14.65
N LYS B 110 -16.04 31.09 15.53
CA LYS B 110 -16.37 32.42 16.11
C LYS B 110 -16.15 33.49 15.04
N ARG B 111 -15.20 33.29 14.13
CA ARG B 111 -14.86 34.29 13.08
C ARG B 111 -15.74 34.05 11.85
N ASN B 112 -16.42 32.89 11.77
CA ASN B 112 -17.31 32.54 10.63
C ASN B 112 -18.66 32.00 11.11
N PRO B 113 -19.46 32.80 11.88
CA PRO B 113 -20.76 32.32 12.39
C PRO B 113 -21.65 31.85 11.23
N GLY B 114 -22.30 30.69 11.39
CA GLY B 114 -23.04 30.02 10.31
C GLY B 114 -22.38 28.70 10.00
N VAL B 115 -21.06 28.68 9.94
CA VAL B 115 -20.29 27.44 9.61
C VAL B 115 -20.33 26.51 10.82
N LYS B 116 -20.64 25.24 10.58
CA LYS B 116 -20.90 24.21 11.63
C LYS B 116 -19.58 23.47 11.91
N GLU B 117 -19.39 23.07 13.16
CA GLU B 117 -18.31 22.14 13.60
C GLU B 117 -18.27 20.93 12.66
N GLY B 118 -17.17 20.74 11.94
CA GLY B 118 -16.93 19.53 11.12
C GLY B 118 -16.78 19.83 9.64
N TYR B 119 -17.06 21.08 9.24
CA TYR B 119 -16.95 21.54 7.83
C TYR B 119 -15.56 21.14 7.33
N LYS B 120 -15.39 20.44 6.19
CA LYS B 120 -14.03 20.03 5.72
C LYS B 120 -13.48 21.05 4.71
N PHE B 121 -12.22 21.44 4.91
CA PHE B 121 -11.46 22.33 4.00
C PHE B 121 -10.59 21.49 3.05
N TYR B 122 -10.84 21.60 1.75
CA TYR B 122 -10.03 21.04 0.63
C TYR B 122 -9.71 22.19 -0.34
N PRO B 123 -8.47 22.73 -0.43
CA PRO B 123 -7.32 22.24 0.35
C PRO B 123 -7.41 22.69 1.79
N PRO B 124 -6.55 22.16 2.69
CA PRO B 124 -6.47 22.67 4.06
C PRO B 124 -6.36 24.20 4.09
N LYS B 125 -7.12 24.84 4.99
CA LYS B 125 -7.23 26.32 5.12
C LYS B 125 -6.02 26.82 5.86
N VAL B 126 -5.39 27.90 5.37
CA VAL B 126 -4.26 28.58 6.07
C VAL B 126 -4.71 29.97 6.54
N GLU B 127 -4.27 30.38 7.73
CA GLU B 127 -4.65 31.67 8.36
C GLU B 127 -3.44 32.24 9.09
N LEU B 128 -3.31 33.57 9.06
CA LEU B 128 -2.21 34.33 9.71
C LEU B 128 -2.78 35.02 10.93
N PHE B 129 -2.07 34.94 12.05
CA PHE B 129 -2.32 35.71 13.29
C PHE B 129 -1.04 36.41 13.74
N PHE B 130 -1.08 37.73 13.92
CA PHE B 130 0.00 38.56 14.51
C PHE B 130 0.13 38.23 15.99
N LYS B 131 1.37 38.14 16.47
CA LYS B 131 1.72 37.74 17.87
C LYS B 131 1.58 38.98 18.75
N ASP B 132 0.50 39.03 19.50
CA ASP B 132 0.14 40.11 20.45
C ASP B 132 -0.81 39.45 21.44
N ASP B 133 -0.60 39.59 22.74
CA ASP B 133 -1.53 39.00 23.74
C ASP B 133 -2.39 40.15 24.28
N ALA B 134 -1.75 41.30 24.54
CA ALA B 134 -2.37 42.63 24.82
C ALA B 134 -3.59 42.84 23.90
N ASN B 135 -3.59 42.28 22.67
CA ASN B 135 -4.71 42.39 21.70
C ASN B 135 -5.25 41.01 21.29
N ASN B 136 -4.84 39.96 22.01
CA ASN B 136 -5.42 38.58 21.96
C ASN B 136 -5.23 37.92 20.58
N ASP B 137 -4.04 38.12 20.00
CA ASP B 137 -3.63 37.47 18.72
C ASP B 137 -4.61 37.75 17.57
N PRO B 138 -4.65 38.98 17.01
CA PRO B 138 -5.51 39.30 15.86
C PRO B 138 -5.08 38.72 14.52
N GLN B 139 -6.04 38.20 13.76
CA GLN B 139 -5.80 37.64 12.40
C GLN B 139 -5.33 38.76 11.46
N TRP B 140 -4.35 38.44 10.62
CA TRP B 140 -3.82 39.37 9.60
C TRP B 140 -4.07 38.74 8.25
N SER B 141 -4.28 39.57 7.24
CA SER B 141 -4.31 39.17 5.81
C SER B 141 -2.84 39.10 5.35
N GLU B 142 -2.57 38.34 4.28
CA GLU B 142 -1.24 38.35 3.60
C GLU B 142 -0.94 39.80 3.25
N GLU B 143 -1.95 40.58 2.89
CA GLU B 143 -1.78 42.00 2.48
C GLU B 143 -1.19 42.82 3.61
N GLN B 144 -1.66 42.60 4.84
CA GLN B 144 -1.15 43.28 6.07
C GLN B 144 0.33 42.94 6.36
N LEU B 145 0.74 41.67 6.18
CA LEU B 145 2.11 41.19 6.51
C LEU B 145 3.10 41.69 5.46
N ILE B 146 2.70 41.69 4.19
CA ILE B 146 3.53 42.21 3.06
C ILE B 146 3.73 43.71 3.28
N ALA B 147 2.67 44.41 3.69
CA ALA B 147 2.65 45.87 3.83
C ALA B 147 3.38 46.30 5.09
N ALA B 148 3.57 45.42 6.07
CA ALA B 148 4.25 45.77 7.34
C ALA B 148 5.77 45.87 7.11
N LYS B 149 6.26 45.36 5.97
CA LYS B 149 7.69 45.44 5.60
C LYS B 149 8.55 45.05 6.80
N PHE B 150 8.29 43.89 7.41
CA PHE B 150 9.12 43.33 8.50
C PHE B 150 10.46 42.85 7.91
N CYS B 151 11.51 43.04 8.70
CA CYS B 151 12.92 42.71 8.41
C CYS B 151 13.46 41.92 9.61
N PHE B 152 14.03 40.75 9.35
CA PHE B 152 14.51 39.80 10.39
C PHE B 152 15.77 39.09 9.90
N ALA B 153 16.89 39.29 10.61
CA ALA B 153 18.22 38.85 10.16
C ALA B 153 18.43 39.33 8.73
N GLY B 154 17.93 40.53 8.41
CA GLY B 154 18.23 41.27 7.18
C GLY B 154 17.49 40.75 5.96
N LEU B 155 16.56 39.82 6.17
CA LEU B 155 15.60 39.35 5.14
C LEU B 155 14.27 40.09 5.31
N LEU B 156 13.93 40.90 4.32
CA LEU B 156 12.66 41.65 4.28
C LEU B 156 11.55 40.67 3.93
N ILE B 157 10.48 40.62 4.74
CA ILE B 157 9.30 39.72 4.55
C ILE B 157 8.36 40.36 3.51
N GLY B 158 8.52 40.00 2.23
CA GLY B 158 7.74 40.55 1.10
C GLY B 158 6.89 39.49 0.42
N GLN B 159 6.37 39.82 -0.77
CA GLN B 159 5.46 38.91 -1.51
C GLN B 159 6.05 37.51 -1.48
N THR B 160 7.32 37.34 -1.85
CA THR B 160 7.95 35.99 -2.06
C THR B 160 7.99 35.19 -0.74
N GLU B 161 8.36 35.85 0.35
CA GLU B 161 8.60 35.18 1.67
C GLU B 161 7.29 34.78 2.34
N VAL B 162 6.25 35.60 2.18
CA VAL B 162 4.89 35.34 2.74
C VAL B 162 4.27 34.19 1.97
N ASP B 163 4.35 34.23 0.64
CA ASP B 163 3.82 33.18 -0.26
C ASP B 163 4.48 31.86 0.16
N ILE B 164 5.78 31.90 0.45
CA ILE B 164 6.58 30.68 0.75
C ILE B 164 6.12 30.12 2.10
N MET B 165 6.02 30.96 3.12
CA MET B 165 5.60 30.49 4.47
C MET B 165 4.20 29.88 4.37
N SER B 166 3.31 30.51 3.62
CA SER B 166 1.89 30.09 3.45
C SER B 166 1.83 28.67 2.89
N HIS B 167 2.47 28.44 1.75
CA HIS B 167 2.57 27.11 1.11
C HIS B 167 3.23 26.09 2.06
N ALA B 168 4.25 26.50 2.81
CA ALA B 168 5.01 25.62 3.73
C ALA B 168 4.10 25.15 4.87
N THR B 169 3.28 26.03 5.44
CA THR B 169 2.33 25.73 6.55
C THR B 169 1.41 24.58 6.13
N GLN B 170 0.96 24.62 4.88
CA GLN B 170 0.05 23.63 4.24
C GLN B 170 0.78 22.30 4.13
N ALA B 171 2.00 22.31 3.58
CA ALA B 171 2.83 21.10 3.36
C ALA B 171 3.15 20.43 4.70
N ILE B 172 3.54 21.25 5.67
CA ILE B 172 3.89 20.75 7.04
C ILE B 172 2.65 20.08 7.63
N PHE B 173 1.51 20.75 7.59
CA PHE B 173 0.21 20.21 8.10
C PHE B 173 -0.08 18.86 7.42
N GLU B 174 -0.04 18.85 6.08
CA GLU B 174 -0.39 17.65 5.26
C GLU B 174 0.48 16.49 5.75
N ILE B 175 1.77 16.75 5.94
CA ILE B 175 2.77 15.70 6.29
C ILE B 175 2.47 15.13 7.68
N LEU B 176 2.23 15.98 8.68
CA LEU B 176 1.86 15.57 10.06
C LEU B 176 0.52 14.85 10.04
N GLU B 177 -0.45 15.33 9.23
CA GLU B 177 -1.81 14.74 9.09
C GLU B 177 -1.66 13.30 8.56
N LYS B 178 -0.85 13.13 7.53
CA LYS B 178 -0.62 11.83 6.85
C LYS B 178 0.08 10.89 7.83
N SER B 179 0.97 11.43 8.63
CA SER B 179 1.87 10.69 9.55
C SER B 179 1.08 10.13 10.74
N TRP B 180 0.01 10.81 11.15
CA TRP B 180 -0.85 10.43 12.30
C TRP B 180 -1.92 9.44 11.86
N LEU B 181 -2.18 9.35 10.57
CA LEU B 181 -3.31 8.55 10.02
C LEU B 181 -3.17 7.09 10.45
N PRO B 182 -1.98 6.45 10.39
CA PRO B 182 -1.87 5.04 10.75
C PRO B 182 -2.13 4.77 12.24
N GLN B 183 -2.24 5.80 13.09
CA GLN B 183 -2.71 5.64 14.51
C GLN B 183 -4.22 5.88 14.60
N ASN B 184 -4.92 5.90 13.49
CA ASN B 184 -6.34 6.34 13.43
C ASN B 184 -6.51 7.64 14.21
N CYS B 185 -5.56 8.57 14.09
CA CYS B 185 -5.65 9.93 14.67
C CYS B 185 -5.87 10.94 13.57
N THR B 186 -7.01 11.62 13.62
CA THR B 186 -7.34 12.81 12.80
C THR B 186 -6.64 14.05 13.38
N LEU B 187 -5.62 14.55 12.67
CA LEU B 187 -5.03 15.88 12.95
C LEU B 187 -6.05 16.91 12.44
N VAL B 188 -6.56 17.72 13.35
CA VAL B 188 -7.71 18.63 13.10
C VAL B 188 -7.14 19.93 12.54
N ASP B 189 -6.19 20.52 13.28
CA ASP B 189 -5.54 21.81 12.93
C ASP B 189 -4.25 21.92 13.72
N MET B 190 -3.50 23.00 13.53
CA MET B 190 -2.16 23.22 14.15
C MET B 190 -1.74 24.68 13.99
N LYS B 191 -0.83 25.12 14.85
CA LYS B 191 -0.05 26.38 14.73
C LYS B 191 1.45 26.04 14.68
N ILE B 192 2.17 26.72 13.81
CA ILE B 192 3.65 26.71 13.74
C ILE B 192 4.13 28.15 13.66
N GLU B 193 5.40 28.39 13.95
CA GLU B 193 6.02 29.73 13.81
C GLU B 193 7.23 29.52 12.92
N PHE B 194 7.50 30.48 12.05
CA PHE B 194 8.72 30.49 11.20
C PHE B 194 9.66 31.56 11.75
N GLY B 195 10.96 31.29 11.65
CA GLY B 195 12.05 32.23 11.92
C GLY B 195 13.07 32.20 10.80
N VAL B 196 14.03 33.14 10.83
CA VAL B 196 15.13 33.24 9.83
C VAL B 196 16.40 32.71 10.48
N ASP B 197 16.99 31.67 9.90
CA ASP B 197 18.30 31.12 10.33
C ASP B 197 19.31 32.24 10.16
N VAL B 198 19.89 32.76 11.25
CA VAL B 198 20.80 33.95 11.24
C VAL B 198 22.05 33.62 10.42
N THR B 199 22.47 32.34 10.43
CA THR B 199 23.60 31.78 9.66
C THR B 199 23.32 31.82 8.15
N THR B 200 22.31 31.09 7.67
CA THR B 200 22.00 30.85 6.22
C THR B 200 21.11 31.96 5.66
N LYS B 201 20.25 32.55 6.49
CA LYS B 201 19.22 33.55 6.07
C LYS B 201 18.05 32.88 5.33
N GLU B 202 17.96 31.54 5.40
CA GLU B 202 16.79 30.77 4.93
C GLU B 202 15.63 30.96 5.92
N ILE B 203 14.38 31.00 5.44
CA ILE B 203 13.19 30.91 6.33
C ILE B 203 12.94 29.43 6.62
N VAL B 204 12.82 29.09 7.90
CA VAL B 204 12.76 27.68 8.38
C VAL B 204 11.70 27.60 9.47
N LEU B 205 11.03 26.46 9.53
CA LEU B 205 10.16 26.08 10.67
C LEU B 205 11.02 26.18 11.93
N ALA B 206 10.49 26.82 12.97
CA ALA B 206 11.19 27.08 14.25
C ALA B 206 10.23 26.94 15.44
N ASP B 207 10.56 27.58 16.55
CA ASP B 207 9.83 27.41 17.82
C ASP B 207 9.73 25.92 18.08
N VAL B 208 8.54 25.47 18.42
CA VAL B 208 8.23 24.05 18.74
C VAL B 208 6.97 23.66 17.98
N ILE B 209 6.71 22.35 18.00
CA ILE B 209 5.47 21.64 17.62
C ILE B 209 5.29 20.54 18.66
N ASP B 210 4.36 20.71 19.59
CA ASP B 210 4.15 19.76 20.72
C ASP B 210 2.64 19.61 20.95
N ASN B 211 2.23 19.15 22.12
CA ASN B 211 0.80 18.84 22.39
C ASN B 211 -0.02 20.14 22.52
N ASP B 212 0.65 21.29 22.65
CA ASP B 212 0.03 22.63 22.73
C ASP B 212 -0.27 23.13 21.32
N SER B 213 0.47 22.63 20.32
CA SER B 213 0.56 23.21 18.95
C SER B 213 -0.62 22.77 18.05
N TRP B 214 -1.32 21.69 18.40
CA TRP B 214 -2.30 21.05 17.48
C TRP B 214 -3.52 20.62 18.28
N ARG B 215 -4.47 20.00 17.55
CA ARG B 215 -5.70 19.34 18.03
C ARG B 215 -5.71 17.92 17.45
N LEU B 216 -5.77 16.89 18.31
CA LEU B 216 -5.59 15.45 17.93
C LEU B 216 -6.81 14.66 18.38
N TRP B 217 -7.56 14.05 17.43
CA TRP B 217 -8.79 13.27 17.73
C TRP B 217 -8.60 11.83 17.29
N PRO B 218 -8.38 10.88 18.23
CA PRO B 218 -8.42 9.46 17.91
C PRO B 218 -9.79 8.99 17.36
N SER B 219 -9.77 8.22 16.26
CA SER B 219 -10.94 7.77 15.46
C SER B 219 -11.75 8.96 14.92
N GLY B 220 -11.19 10.17 14.92
CA GLY B 220 -11.92 11.42 14.61
C GLY B 220 -13.03 11.73 15.62
N ASP B 221 -12.88 11.34 16.89
CA ASP B 221 -13.90 11.56 17.96
C ASP B 221 -13.45 12.69 18.90
N ARG B 222 -14.06 13.88 18.78
CA ARG B 222 -13.67 15.11 19.51
C ARG B 222 -13.63 14.86 21.02
N SER B 223 -14.55 14.03 21.50
CA SER B 223 -14.69 13.67 22.94
C SER B 223 -13.44 12.92 23.45
N GLN B 224 -12.65 12.29 22.57
CA GLN B 224 -11.39 11.59 22.95
C GLN B 224 -10.17 12.52 22.71
N GLN B 225 -10.37 13.85 22.70
CA GLN B 225 -9.29 14.81 22.34
C GLN B 225 -8.11 14.61 23.29
N LYS B 226 -6.89 14.48 22.75
CA LYS B 226 -5.62 14.11 23.45
C LYS B 226 -4.69 15.33 23.56
N ASP B 227 -5.02 16.41 22.86
CA ASP B 227 -4.21 17.65 22.76
C ASP B 227 -4.53 18.54 23.97
N LYS B 228 -3.95 19.75 24.00
CA LYS B 228 -4.09 20.72 25.11
C LYS B 228 -5.53 21.27 25.21
N GLN B 229 -6.37 21.07 24.19
CA GLN B 229 -7.78 21.51 24.24
C GLN B 229 -8.44 20.95 25.51
N SER B 230 -8.10 19.71 25.88
CA SER B 230 -8.60 19.01 27.10
C SER B 230 -8.35 19.88 28.35
N TYR B 231 -7.23 20.62 28.38
CA TYR B 231 -6.86 21.55 29.47
C TYR B 231 -7.65 22.85 29.34
N ARG B 232 -7.72 23.45 28.15
CA ARG B 232 -8.38 24.75 27.93
C ARG B 232 -9.87 24.68 28.19
N ASP B 233 -10.46 23.49 28.21
CA ASP B 233 -11.93 23.27 28.27
C ASP B 233 -12.39 23.12 29.73
N LEU B 234 -11.54 22.71 30.66
CA LEU B 234 -11.91 22.38 32.08
C LEU B 234 -12.60 23.59 32.72
N LYS B 235 -13.86 23.40 33.13
CA LYS B 235 -14.72 24.46 33.75
C LYS B 235 -13.89 25.19 34.79
N GLU B 236 -13.33 24.39 35.70
CA GLU B 236 -12.39 24.82 36.74
C GLU B 236 -11.26 23.79 36.76
N VAL B 237 -10.01 24.24 36.91
CA VAL B 237 -8.82 23.36 36.96
C VAL B 237 -8.62 22.88 38.40
N THR B 238 -8.75 21.57 38.63
CA THR B 238 -8.51 20.93 39.95
C THR B 238 -7.24 20.08 39.85
N PRO B 239 -6.58 19.77 40.99
CA PRO B 239 -5.46 18.82 41.04
C PRO B 239 -5.77 17.45 40.40
N GLU B 240 -6.99 16.96 40.62
CA GLU B 240 -7.50 15.69 40.05
C GLU B 240 -7.74 15.88 38.54
N GLY B 241 -8.14 17.09 38.14
CA GLY B 241 -8.42 17.46 36.73
C GLY B 241 -7.16 17.52 35.89
N LEU B 242 -6.05 17.95 36.48
CA LEU B 242 -4.72 18.01 35.81
C LEU B 242 -4.18 16.59 35.53
N GLN B 243 -4.65 15.57 36.24
CA GLN B 243 -4.18 14.17 36.05
C GLN B 243 -4.69 13.63 34.71
N MET B 244 -5.98 13.84 34.39
CA MET B 244 -6.57 13.49 33.07
C MET B 244 -5.72 14.15 31.98
N VAL B 245 -5.53 15.48 32.09
CA VAL B 245 -4.75 16.30 31.12
C VAL B 245 -3.38 15.66 30.93
N LYS B 246 -2.69 15.31 32.01
CA LYS B 246 -1.32 14.76 31.96
C LYS B 246 -1.32 13.40 31.22
N LYS B 247 -2.32 12.56 31.48
CA LYS B 247 -2.42 11.21 30.86
C LYS B 247 -2.64 11.38 29.35
N ASN B 248 -3.45 12.36 28.94
CA ASN B 248 -3.61 12.75 27.50
C ASN B 248 -2.23 13.05 26.89
N PHE B 249 -1.44 13.91 27.54
CA PHE B 249 -0.07 14.28 27.10
C PHE B 249 0.80 13.02 27.00
N GLU B 250 0.77 12.17 28.01
CA GLU B 250 1.55 10.90 28.08
C GLU B 250 1.16 9.99 26.91
N TRP B 251 -0.13 9.89 26.64
CA TRP B 251 -0.67 9.11 25.49
C TRP B 251 0.04 9.53 24.21
N VAL B 252 0.19 10.83 23.99
CA VAL B 252 0.74 11.37 22.72
C VAL B 252 2.22 11.02 22.68
N ALA B 253 2.93 11.34 23.76
CA ALA B 253 4.40 11.29 23.83
C ALA B 253 4.85 9.86 23.57
N GLU B 254 4.04 8.88 24.00
CA GLU B 254 4.40 7.46 23.85
C GLU B 254 4.12 7.02 22.41
N ARG B 255 3.25 7.74 21.71
CA ARG B 255 2.73 7.32 20.39
C ARG B 255 3.46 8.08 19.28
N VAL B 256 3.92 9.29 19.56
CA VAL B 256 4.61 10.13 18.54
C VAL B 256 5.83 9.39 18.02
N GLU B 257 6.59 8.67 18.85
CA GLU B 257 7.83 7.95 18.40
C GLU B 257 7.50 6.96 17.26
N LEU B 258 6.24 6.62 17.01
CA LEU B 258 5.85 5.66 15.95
C LEU B 258 5.60 6.39 14.62
N LEU B 259 5.52 7.72 14.65
CA LEU B 259 5.47 8.57 13.43
C LEU B 259 6.81 8.41 12.69
N LEU B 260 7.87 8.03 13.38
CA LEU B 260 9.22 7.88 12.79
C LEU B 260 9.42 6.45 12.30
N LYS B 261 8.47 5.56 12.57
CA LYS B 261 8.57 4.13 12.23
C LYS B 261 7.90 3.87 10.89
N SER B 262 8.59 3.16 10.02
CA SER B 262 8.07 2.71 8.70
C SER B 262 7.00 1.65 8.94
N GLU B 263 5.81 1.83 8.37
CA GLU B 263 4.68 0.90 8.56
C GLU B 263 4.59 -0.11 7.41
N SER B 264 5.38 0.05 6.35
CA SER B 264 5.33 -0.87 5.19
C SER B 264 6.71 -1.05 4.60
N GLN B 265 7.06 -2.25 4.18
CA GLN B 265 8.38 -2.46 3.55
C GLN B 265 8.26 -2.08 2.08
N CYS B 266 9.26 -1.40 1.55
CA CYS B 266 9.27 -0.93 0.15
C CYS B 266 10.55 -1.45 -0.47
N ARG B 267 10.47 -1.85 -1.72
CA ARG B 267 11.59 -2.38 -2.51
C ARG B 267 11.36 -2.05 -3.99
N VAL B 268 12.37 -1.54 -4.69
CA VAL B 268 12.43 -1.53 -6.18
C VAL B 268 13.41 -2.63 -6.60
N VAL B 269 13.09 -3.40 -7.63
CA VAL B 269 14.06 -4.32 -8.26
C VAL B 269 14.25 -3.82 -9.69
N VAL B 270 15.44 -3.32 -10.03
CA VAL B 270 15.78 -2.94 -11.42
C VAL B 270 16.28 -4.21 -12.12
N LEU B 271 15.60 -4.66 -13.16
CA LEU B 271 16.14 -5.72 -14.04
C LEU B 271 16.75 -5.06 -15.28
N MET B 272 18.02 -5.33 -15.58
CA MET B 272 18.66 -4.85 -16.82
C MET B 272 19.01 -6.05 -17.72
N GLY B 273 18.82 -5.88 -19.03
CA GLY B 273 19.09 -6.88 -20.07
C GLY B 273 20.58 -7.05 -20.38
N SER B 274 21.39 -6.04 -20.09
CA SER B 274 22.85 -6.05 -20.39
C SER B 274 23.62 -5.34 -19.28
N THR B 275 24.87 -5.73 -19.08
CA THR B 275 25.77 -5.14 -18.06
C THR B 275 26.14 -3.72 -18.49
N SER B 276 26.08 -3.46 -19.80
CA SER B 276 26.43 -2.13 -20.38
C SER B 276 25.34 -1.08 -20.09
N ASP B 277 24.21 -1.48 -19.47
CA ASP B 277 23.14 -0.55 -19.04
C ASP B 277 23.40 -0.06 -17.62
N LEU B 278 24.45 -0.58 -16.97
CA LEU B 278 24.70 -0.40 -15.52
C LEU B 278 24.66 1.08 -15.11
N GLY B 279 25.22 1.98 -15.92
CA GLY B 279 25.33 3.40 -15.56
C GLY B 279 23.95 4.02 -15.35
N HIS B 280 23.05 3.74 -16.29
CA HIS B 280 21.60 4.11 -16.24
C HIS B 280 21.01 3.59 -14.92
N CYS B 281 21.21 2.32 -14.60
CA CYS B 281 20.60 1.66 -13.41
C CYS B 281 21.19 2.21 -12.11
N GLU B 282 22.45 2.62 -12.11
CA GLU B 282 23.09 3.27 -10.93
C GLU B 282 22.26 4.49 -10.57
N LYS B 283 21.86 5.27 -11.58
CA LYS B 283 21.09 6.52 -11.40
C LYS B 283 19.75 6.22 -10.75
N ILE B 284 19.10 5.10 -11.12
CA ILE B 284 17.81 4.67 -10.52
C ILE B 284 18.06 4.30 -9.05
N LYS B 285 19.06 3.47 -8.79
CA LYS B 285 19.44 3.11 -7.40
C LYS B 285 19.66 4.39 -6.58
N LYS B 286 20.45 5.32 -7.09
CA LYS B 286 20.71 6.63 -6.40
C LYS B 286 19.40 7.33 -6.03
N ALA B 287 18.55 7.53 -7.03
CA ALA B 287 17.24 8.23 -6.92
C ALA B 287 16.31 7.54 -5.93
N CYS B 288 16.31 6.20 -5.88
CA CYS B 288 15.55 5.38 -4.89
C CYS B 288 16.12 5.65 -3.49
N GLY B 289 17.47 5.64 -3.36
CA GLY B 289 18.23 6.17 -2.21
C GLY B 289 17.59 7.43 -1.63
N ASN B 290 17.40 8.46 -2.45
CA ASN B 290 16.88 9.79 -2.01
C ASN B 290 15.51 9.68 -1.33
N PHE B 291 14.71 8.65 -1.66
CA PHE B 291 13.33 8.39 -1.13
C PHE B 291 13.37 7.34 0.01
N GLY B 292 14.55 6.79 0.34
CA GLY B 292 14.74 5.81 1.44
C GLY B 292 14.20 4.44 1.07
N ILE B 293 14.13 4.14 -0.22
CA ILE B 293 13.66 2.84 -0.74
C ILE B 293 14.85 1.96 -1.10
N PRO B 294 15.00 0.79 -0.41
CA PRO B 294 15.94 -0.25 -0.83
C PRO B 294 15.73 -0.56 -2.31
N CYS B 295 16.81 -0.63 -3.07
CA CYS B 295 16.74 -0.87 -4.54
C CYS B 295 17.84 -1.85 -4.90
N GLU B 296 17.48 -2.95 -5.56
CA GLU B 296 18.43 -4.01 -5.98
C GLU B 296 18.52 -3.98 -7.51
N LEU B 297 19.73 -4.18 -8.03
CA LEU B 297 20.02 -4.37 -9.47
C LEU B 297 20.14 -5.88 -9.73
N ARG B 298 19.71 -6.31 -10.91
CA ARG B 298 19.84 -7.72 -11.38
C ARG B 298 19.98 -7.68 -12.89
N VAL B 299 20.67 -8.69 -13.43
CA VAL B 299 20.98 -8.81 -14.88
C VAL B 299 20.26 -10.05 -15.38
N THR B 300 19.31 -9.86 -16.30
CA THR B 300 18.52 -10.95 -16.93
C THR B 300 18.00 -10.45 -18.27
N SER B 301 17.99 -11.32 -19.28
CA SER B 301 17.49 -11.04 -20.65
C SER B 301 16.28 -11.92 -20.95
N ALA B 302 15.15 -11.30 -21.30
CA ALA B 302 13.95 -12.01 -21.79
C ALA B 302 14.26 -12.67 -23.14
N HIS B 303 15.23 -12.16 -23.90
CA HIS B 303 15.56 -12.64 -25.26
C HIS B 303 16.49 -13.86 -25.18
N LYS B 304 17.49 -13.83 -24.30
CA LYS B 304 18.60 -14.83 -24.26
C LYS B 304 18.52 -15.72 -23.00
N GLY B 305 17.76 -15.32 -21.97
CA GLY B 305 17.55 -16.12 -20.74
C GLY B 305 16.18 -15.90 -20.09
N PRO B 306 15.06 -16.06 -20.83
CA PRO B 306 13.74 -15.77 -20.30
C PRO B 306 13.33 -16.73 -19.18
N ASP B 307 13.84 -17.96 -19.18
CA ASP B 307 13.53 -18.94 -18.09
C ASP B 307 14.05 -18.37 -16.76
N GLU B 308 15.15 -17.62 -16.76
CA GLU B 308 15.70 -17.06 -15.50
C GLU B 308 14.99 -15.76 -15.15
N THR B 309 14.56 -15.01 -16.14
CA THR B 309 13.78 -13.78 -15.93
C THR B 309 12.60 -14.09 -15.00
N LEU B 310 11.99 -15.24 -15.21
CA LEU B 310 10.83 -15.72 -14.41
C LEU B 310 11.28 -16.22 -13.03
N ARG B 311 12.42 -16.92 -12.97
CA ARG B 311 12.96 -17.45 -11.69
C ARG B 311 13.37 -16.28 -10.79
N ILE B 312 13.93 -15.22 -11.38
CA ILE B 312 14.39 -14.02 -10.62
C ILE B 312 13.14 -13.27 -10.14
N LYS B 313 12.21 -13.01 -11.05
CA LYS B 313 10.87 -12.49 -10.72
C LYS B 313 10.34 -13.20 -9.45
N ALA B 314 10.37 -14.53 -9.45
CA ALA B 314 9.78 -15.39 -8.38
C ALA B 314 10.48 -15.12 -7.04
N GLU B 315 11.79 -14.87 -7.07
CA GLU B 315 12.58 -14.65 -5.82
C GLU B 315 11.97 -13.46 -5.06
N TYR B 316 11.59 -12.40 -5.77
CA TYR B 316 11.13 -11.11 -5.17
C TYR B 316 9.60 -11.12 -5.02
N GLU B 317 8.92 -11.91 -5.84
CA GLU B 317 7.44 -12.07 -5.78
C GLU B 317 7.05 -12.79 -4.49
N GLY B 318 7.91 -13.71 -4.04
CA GLY B 318 7.56 -14.77 -3.09
C GLY B 318 8.09 -14.56 -1.68
N ASP B 319 8.80 -13.47 -1.38
CA ASP B 319 9.28 -13.23 0.02
C ASP B 319 8.32 -12.32 0.78
N GLY B 320 7.16 -11.98 0.21
CA GLY B 320 6.11 -11.19 0.88
C GLY B 320 6.37 -9.68 0.89
N ILE B 321 7.59 -9.22 0.56
CA ILE B 321 7.95 -7.77 0.57
C ILE B 321 7.35 -7.07 -0.64
N PRO B 322 6.51 -6.03 -0.43
CA PRO B 322 5.99 -5.19 -1.51
C PRO B 322 7.06 -4.60 -2.42
N THR B 323 6.99 -4.85 -3.73
CA THR B 323 8.09 -4.70 -4.72
C THR B 323 7.56 -4.00 -5.98
N VAL B 324 8.31 -3.05 -6.54
CA VAL B 324 8.05 -2.51 -7.90
C VAL B 324 9.17 -3.03 -8.79
N PHE B 325 8.86 -3.57 -9.94
CA PHE B 325 9.91 -3.94 -10.91
C PHE B 325 10.09 -2.74 -11.85
N VAL B 326 11.34 -2.39 -12.16
CA VAL B 326 11.69 -1.41 -13.23
C VAL B 326 12.56 -2.12 -14.27
N ALA B 327 12.01 -2.31 -15.47
CA ALA B 327 12.64 -3.00 -16.62
C ALA B 327 13.44 -2.01 -17.47
N VAL B 328 14.76 -2.17 -17.43
CA VAL B 328 15.71 -1.38 -18.26
C VAL B 328 16.15 -2.25 -19.44
N ALA B 329 15.56 -2.01 -20.62
CA ALA B 329 15.99 -2.66 -21.87
C ALA B 329 15.82 -1.68 -23.03
N GLY B 330 16.94 -1.36 -23.68
CA GLY B 330 16.98 -0.62 -24.95
C GLY B 330 16.50 -1.49 -26.07
N ARG B 331 16.50 -0.96 -27.30
CA ARG B 331 16.07 -1.70 -28.51
C ARG B 331 14.68 -2.29 -28.27
N SER B 332 14.47 -3.54 -28.72
CA SER B 332 13.18 -4.25 -28.57
C SER B 332 13.17 -4.64 -27.11
N ASN B 333 12.49 -3.83 -26.27
CA ASN B 333 12.36 -4.09 -24.81
C ASN B 333 11.37 -5.24 -24.59
N GLY B 334 11.87 -6.48 -24.68
CA GLY B 334 11.02 -7.67 -24.46
C GLY B 334 10.97 -8.01 -22.97
N LEU B 335 11.88 -7.41 -22.20
CA LEU B 335 11.97 -7.61 -20.73
C LEU B 335 10.74 -7.04 -20.01
N GLY B 336 10.23 -5.86 -20.40
CA GLY B 336 9.06 -5.20 -19.77
C GLY B 336 7.76 -5.97 -20.03
N PRO B 337 7.40 -6.22 -21.30
CA PRO B 337 6.31 -7.14 -21.65
C PRO B 337 6.30 -8.45 -20.85
N VAL B 338 7.36 -9.27 -20.94
CA VAL B 338 7.41 -10.61 -20.27
C VAL B 338 7.20 -10.44 -18.74
N MET B 339 7.82 -9.43 -18.16
CA MET B 339 7.72 -9.15 -16.70
C MET B 339 6.27 -8.77 -16.41
N SER B 340 5.74 -7.80 -17.15
CA SER B 340 4.38 -7.24 -16.91
C SER B 340 3.34 -8.35 -17.01
N GLY B 341 3.51 -9.20 -18.00
CA GLY B 341 2.54 -10.25 -18.33
C GLY B 341 2.62 -11.42 -17.38
N ASN B 342 3.65 -11.55 -16.55
CA ASN B 342 3.76 -12.75 -15.66
C ASN B 342 3.92 -12.33 -14.19
N THR B 343 3.59 -11.08 -13.79
CA THR B 343 3.59 -10.62 -12.38
C THR B 343 2.39 -9.73 -12.09
N ALA B 344 1.85 -9.89 -10.90
CA ALA B 344 0.72 -9.12 -10.31
C ALA B 344 1.21 -7.77 -9.72
N TYR B 345 2.51 -7.66 -9.43
CA TYR B 345 3.18 -6.42 -8.95
C TYR B 345 3.41 -5.49 -10.14
N PRO B 346 3.41 -4.16 -9.91
CA PRO B 346 3.55 -3.22 -11.01
C PRO B 346 4.89 -3.40 -11.75
N VAL B 347 4.91 -3.09 -13.04
CA VAL B 347 6.19 -3.02 -13.83
C VAL B 347 6.26 -1.66 -14.53
N ILE B 348 7.37 -0.96 -14.33
CA ILE B 348 7.73 0.27 -15.08
C ILE B 348 8.85 -0.09 -16.05
N SER B 349 8.62 0.06 -17.35
CA SER B 349 9.70 0.12 -18.37
C SER B 349 10.36 1.50 -18.26
N CYS B 350 11.69 1.52 -18.16
CA CYS B 350 12.53 2.75 -18.21
C CYS B 350 13.68 2.51 -19.18
N PRO B 351 13.42 2.57 -20.51
CA PRO B 351 14.43 2.17 -21.50
C PRO B 351 15.55 3.21 -21.55
N PRO B 352 16.84 2.83 -21.69
CA PRO B 352 17.93 3.80 -21.71
C PRO B 352 18.07 4.41 -23.11
N LEU B 353 17.05 5.16 -23.54
CA LEU B 353 16.98 5.81 -24.87
C LEU B 353 18.09 6.86 -24.93
N THR B 354 18.81 6.89 -26.05
CA THR B 354 19.66 8.03 -26.49
C THR B 354 18.92 8.68 -27.66
N PRO B 355 19.21 9.97 -27.98
CA PRO B 355 18.57 10.63 -29.13
C PRO B 355 18.72 9.97 -30.52
N ASP B 356 19.63 9.00 -30.69
CA ASP B 356 19.96 8.37 -32.01
C ASP B 356 18.82 7.44 -32.49
N TRP B 357 18.39 6.50 -31.65
CA TRP B 357 17.32 5.52 -32.01
C TRP B 357 16.18 5.53 -30.96
N GLY B 358 16.17 6.52 -30.05
CA GLY B 358 15.17 6.67 -28.97
C GLY B 358 13.75 6.86 -29.49
N VAL B 359 13.60 7.63 -30.58
CA VAL B 359 12.30 7.93 -31.25
C VAL B 359 11.64 6.62 -31.72
N GLN B 360 12.43 5.59 -32.06
CA GLN B 360 11.98 4.30 -32.68
C GLN B 360 11.75 3.20 -31.62
N ASP B 361 12.59 3.14 -30.58
CA ASP B 361 12.63 2.03 -29.57
C ASP B 361 11.58 2.22 -28.46
N VAL B 362 11.03 3.43 -28.29
CA VAL B 362 10.04 3.78 -27.22
C VAL B 362 8.73 3.02 -27.48
N TRP B 363 8.42 2.70 -28.74
CA TRP B 363 7.13 2.09 -29.16
C TRP B 363 7.12 0.58 -28.89
N SER B 364 8.29 -0.01 -28.59
CA SER B 364 8.44 -1.39 -28.06
C SER B 364 7.99 -1.47 -26.60
N SER B 365 7.94 -0.33 -25.89
CA SER B 365 7.58 -0.21 -24.44
C SER B 365 6.10 0.19 -24.28
N LEU B 366 5.53 0.94 -25.25
CA LEU B 366 4.24 1.69 -25.15
C LEU B 366 3.05 0.88 -25.65
N ARG B 367 3.22 0.20 -26.80
CA ARG B 367 2.16 -0.61 -27.45
C ARG B 367 2.42 -2.10 -27.15
N LEU B 368 1.69 -2.69 -26.19
CA LEU B 368 1.71 -4.13 -25.78
C LEU B 368 0.31 -4.74 -26.00
N PRO B 369 0.12 -6.06 -26.28
CA PRO B 369 -1.24 -6.61 -26.37
C PRO B 369 -1.90 -6.42 -24.99
N SER B 370 -3.21 -6.14 -24.94
CA SER B 370 -3.92 -5.91 -23.64
C SER B 370 -3.92 -7.23 -22.86
N GLY B 371 -4.21 -7.17 -21.56
CA GLY B 371 -3.87 -8.22 -20.58
C GLY B 371 -2.55 -7.90 -19.90
N LEU B 372 -1.91 -6.79 -20.30
CA LEU B 372 -0.60 -6.27 -19.79
C LEU B 372 -0.82 -4.82 -19.31
N GLY B 373 -0.45 -4.52 -18.05
CA GLY B 373 -0.56 -3.18 -17.46
C GLY B 373 0.77 -2.45 -17.39
N CYS B 374 1.78 -2.87 -18.16
CA CYS B 374 3.14 -2.26 -18.22
C CYS B 374 2.99 -0.77 -18.52
N SER B 375 3.53 0.09 -17.65
CA SER B 375 3.58 1.56 -17.84
C SER B 375 4.98 1.97 -18.33
N THR B 376 5.13 3.20 -18.85
CA THR B 376 6.39 3.76 -19.39
C THR B 376 6.73 5.07 -18.64
N VAL B 377 7.98 5.22 -18.20
CA VAL B 377 8.59 6.48 -17.68
C VAL B 377 10.02 6.55 -18.24
N LEU B 378 10.31 7.57 -19.06
CA LEU B 378 11.63 7.72 -19.74
C LEU B 378 12.70 8.10 -18.72
N SER B 379 12.45 9.12 -17.88
CA SER B 379 13.42 9.63 -16.87
C SER B 379 13.80 8.50 -15.91
N PRO B 380 15.11 8.22 -15.69
CA PRO B 380 15.52 7.26 -14.66
C PRO B 380 15.23 7.73 -13.22
N GLU B 381 15.41 9.02 -12.92
CA GLU B 381 15.02 9.65 -11.63
C GLU B 381 13.49 9.66 -11.55
N GLY B 382 12.83 9.92 -12.68
CA GLY B 382 11.37 9.81 -12.81
C GLY B 382 10.86 8.44 -12.41
N SER B 383 11.51 7.37 -12.87
CA SER B 383 11.01 5.99 -12.65
C SER B 383 11.09 5.67 -11.14
N ALA B 384 12.14 6.13 -10.47
CA ALA B 384 12.26 6.08 -9.00
C ALA B 384 11.09 6.84 -8.37
N GLN B 385 10.94 8.11 -8.76
CA GLN B 385 9.93 9.03 -8.18
C GLN B 385 8.54 8.41 -8.36
N PHE B 386 8.26 7.82 -9.51
CA PHE B 386 6.94 7.18 -9.76
C PHE B 386 6.81 6.02 -8.78
N ALA B 387 7.85 5.18 -8.68
CA ALA B 387 7.86 4.00 -7.78
C ALA B 387 7.61 4.49 -6.36
N ALA B 388 8.25 5.59 -5.97
CA ALA B 388 8.00 6.26 -4.67
C ALA B 388 6.52 6.64 -4.52
N GLN B 389 5.95 7.33 -5.53
CA GLN B 389 4.54 7.79 -5.50
C GLN B 389 3.67 6.58 -5.14
N ILE B 390 3.97 5.44 -5.76
CA ILE B 390 3.27 4.12 -5.58
C ILE B 390 3.39 3.64 -4.12
N PHE B 391 4.59 3.67 -3.55
CA PHE B 391 4.83 3.24 -2.16
C PHE B 391 4.24 4.30 -1.22
N GLY B 392 4.15 5.54 -1.72
CA GLY B 392 3.56 6.69 -0.99
C GLY B 392 2.13 6.41 -0.54
N LEU B 393 1.40 5.48 -1.19
CA LEU B 393 -0.01 5.16 -0.85
C LEU B 393 -0.09 4.40 0.49
N SER B 394 1.00 3.74 0.89
CA SER B 394 1.03 2.77 2.01
C SER B 394 2.21 3.01 2.94
N ASN B 395 3.01 4.08 2.75
CA ASN B 395 4.19 4.44 3.59
C ASN B 395 4.28 5.97 3.70
N HIS B 396 3.95 6.51 4.87
CA HIS B 396 3.85 7.95 5.19
C HIS B 396 5.23 8.61 5.05
N LEU B 397 6.31 7.86 5.27
CA LEU B 397 7.68 8.42 5.20
C LEU B 397 7.99 8.70 3.75
N VAL B 398 7.67 7.75 2.85
CA VAL B 398 7.88 7.96 1.40
C VAL B 398 7.01 9.14 0.94
N TRP B 399 5.74 9.14 1.32
CA TRP B 399 4.76 10.20 0.93
C TRP B 399 5.33 11.56 1.37
N SER B 400 5.71 11.66 2.63
CA SER B 400 6.19 12.92 3.25
C SER B 400 7.39 13.44 2.44
N LYS B 401 8.27 12.54 1.98
CA LYS B 401 9.45 12.96 1.17
C LYS B 401 9.00 13.54 -0.17
N LEU B 402 7.99 12.93 -0.78
CA LEU B 402 7.44 13.36 -2.09
C LEU B 402 6.75 14.71 -1.90
N ARG B 403 5.97 14.83 -0.82
CA ARG B 403 5.15 16.04 -0.57
C ARG B 403 6.09 17.23 -0.36
N ALA B 404 7.10 17.05 0.47
CA ALA B 404 8.09 18.10 0.80
C ALA B 404 8.85 18.47 -0.47
N SER B 405 9.21 17.47 -1.28
CA SER B 405 9.94 17.64 -2.56
C SER B 405 9.20 18.66 -3.45
N ILE B 406 7.89 18.45 -3.59
CA ILE B 406 6.99 19.42 -4.28
C ILE B 406 7.20 20.81 -3.69
N LEU B 407 7.10 20.94 -2.35
CA LEU B 407 7.21 22.24 -1.65
C LEU B 407 8.50 22.92 -2.09
N ASN B 408 9.63 22.23 -1.88
CA ASN B 408 10.99 22.81 -2.00
C ASN B 408 11.22 23.13 -3.47
N THR B 409 10.73 22.31 -4.41
CA THR B 409 10.83 22.57 -5.88
C THR B 409 10.11 23.86 -6.21
N TRP B 410 8.95 24.07 -5.61
CA TRP B 410 8.14 25.30 -5.74
C TRP B 410 8.91 26.47 -5.14
N ILE B 411 9.45 26.33 -3.93
CA ILE B 411 10.26 27.40 -3.27
C ILE B 411 11.43 27.76 -4.20
N SER B 412 12.09 26.76 -4.76
CA SER B 412 13.26 26.92 -5.64
C SER B 412 12.91 27.85 -6.81
N LEU B 413 11.73 27.68 -7.43
CA LEU B 413 11.25 28.54 -8.53
C LEU B 413 10.99 29.96 -8.01
N LYS B 414 10.33 30.10 -6.87
CA LYS B 414 10.12 31.42 -6.23
C LYS B 414 11.44 32.16 -6.07
N GLN B 415 12.52 31.47 -5.63
CA GLN B 415 13.87 32.08 -5.40
C GLN B 415 14.47 32.48 -6.75
N ALA B 416 14.50 31.55 -7.71
CA ALA B 416 15.05 31.77 -9.06
C ALA B 416 14.39 33.00 -9.69
N ASP B 417 13.06 33.11 -9.54
CA ASP B 417 12.20 34.19 -10.12
C ASP B 417 12.54 35.52 -9.45
N LYS B 418 12.83 35.52 -8.16
CA LYS B 418 13.18 36.74 -7.39
C LYS B 418 14.53 37.26 -7.87
N LYS B 419 15.49 36.36 -8.02
CA LYS B 419 16.88 36.69 -8.42
C LYS B 419 16.77 37.35 -9.79
N ILE B 420 16.23 36.64 -10.77
CA ILE B 420 16.23 37.07 -12.20
C ILE B 420 15.28 38.24 -12.41
N ARG B 421 14.29 38.43 -11.52
CA ARG B 421 13.40 39.62 -11.50
C ARG B 421 14.24 40.90 -11.40
N GLU B 422 15.36 40.83 -10.69
CA GLU B 422 16.30 41.97 -10.49
C GLU B 422 17.07 42.27 -11.79
N CYS B 423 17.14 41.34 -12.74
CA CYS B 423 17.71 41.56 -14.10
C CYS B 423 16.84 42.52 -14.92
N ASN B 424 15.72 43.01 -14.38
CA ASN B 424 14.70 43.77 -15.16
C ASN B 424 14.57 45.19 -14.58
N LEU B 425 15.34 45.51 -13.54
CA LEU B 425 15.21 46.75 -12.72
C LEU B 425 16.32 47.75 -13.12
#